data_5FMR
#
_entry.id   5FMR
#
_cell.length_a   169.765
_cell.length_b   81.726
_cell.length_c   120.476
_cell.angle_alpha   90.00
_cell.angle_beta   133.97
_cell.angle_gamma   90.00
#
_symmetry.space_group_name_H-M   'C 1 2 1'
#
loop_
_entity.id
_entity.type
_entity.pdbx_description
1 polymer 'INTRAFLAGELLAR TRANSPORT PROTEIN COMPONENT IFT52'
2 non-polymer 'SULFATE ION'
3 water water
#
_entity_poly.entity_id   1
_entity_poly.type   'polypeptide(L)'
_entity_poly.pdbx_seq_one_letter_code
;GAASMEEPGAEEVRILFSTAKGESHTHKAGFKQLFRRLRSTYRPDKVDKDDFTLDTLRSAHILVLGGPKEKFTAPEVDML
KKFVKNGGSILILMSEGGEEKAGTNINYFLEQFGMSVNNDAVVRTTHYKYLHPKEVLISDGILNRAVITGAGKSLNSNDD
DEFRVSRGPQAFDGTGLEYVFPFGATLSVQKPAVPVLSSGKIAYPMNRPVGAVWAQPGYGRIAVLGSCAMFDDKWLDKEE
NSKIMDFFFKFLEPHSKIQLNDIDAEEPDVSDLKLLPDTA
;
_entity_poly.pdbx_strand_id   A,B,C
#
# COMPACT_ATOMS: atom_id res chain seq x y z
N GLU A 12 -1.11 0.72 -43.66
CA GLU A 12 -1.64 -0.60 -43.28
C GLU A 12 -1.96 -0.64 -41.78
N VAL A 13 -0.97 -0.40 -40.94
CA VAL A 13 -1.19 -0.33 -39.48
C VAL A 13 -0.90 1.09 -39.01
N ARG A 14 -1.93 1.82 -38.61
CA ARG A 14 -1.75 3.20 -38.20
C ARG A 14 -1.64 3.38 -36.68
N ILE A 15 -0.58 4.08 -36.27
CA ILE A 15 -0.27 4.29 -34.86
C ILE A 15 -0.31 5.77 -34.54
N LEU A 16 -1.12 6.15 -33.56
CA LEU A 16 -1.20 7.53 -33.12
C LEU A 16 -0.43 7.73 -31.82
N PHE A 17 0.54 8.65 -31.85
CA PHE A 17 1.21 9.09 -30.64
C PHE A 17 0.57 10.35 -30.13
N SER A 18 -0.06 10.27 -28.96
CA SER A 18 -0.83 11.38 -28.42
C SER A 18 0.05 12.45 -27.81
N THR A 19 -0.38 13.70 -27.98
CA THR A 19 0.22 14.86 -27.31
C THR A 19 -0.89 15.61 -26.58
N ALA A 20 -2.08 15.02 -26.60
CA ALA A 20 -3.30 15.64 -26.09
C ALA A 20 -3.36 15.84 -24.59
N LYS A 21 -2.51 15.13 -23.83
CA LYS A 21 -2.56 15.24 -22.37
C LYS A 21 -1.20 15.62 -21.82
N GLY A 22 -0.43 16.39 -22.59
CA GLY A 22 0.86 16.87 -22.14
C GLY A 22 1.92 15.79 -22.02
N GLU A 23 1.82 14.77 -22.87
CA GLU A 23 2.72 13.62 -22.85
C GLU A 23 4.21 13.99 -22.84
N SER A 24 4.97 13.44 -21.90
CA SER A 24 6.38 13.72 -21.79
C SER A 24 7.19 13.07 -22.92
N HIS A 25 6.66 11.98 -23.46
CA HIS A 25 7.35 11.28 -24.55
C HIS A 25 6.49 11.24 -25.82
N THR A 26 6.96 11.93 -26.86
CA THR A 26 6.23 12.05 -28.13
C THR A 26 7.19 12.02 -29.31
N HIS A 27 6.66 12.20 -30.52
CA HIS A 27 7.49 12.31 -31.72
C HIS A 27 8.45 13.51 -31.60
N LYS A 28 7.94 14.62 -31.06
CA LYS A 28 8.75 15.82 -30.89
C LYS A 28 9.92 15.58 -29.94
N ALA A 29 9.61 15.12 -28.73
CA ALA A 29 10.62 14.90 -27.71
C ALA A 29 10.39 13.63 -26.91
N GLY A 30 11.36 12.71 -27.00
CA GLY A 30 11.37 11.50 -26.19
C GLY A 30 11.23 10.23 -27.00
N PHE A 31 10.32 10.22 -27.97
CA PHE A 31 10.05 9.02 -28.77
C PHE A 31 10.49 9.17 -30.23
N LYS A 32 11.50 10.01 -30.47
CA LYS A 32 11.97 10.27 -31.83
C LYS A 32 12.45 8.99 -32.51
N GLN A 33 13.41 8.31 -31.88
CA GLN A 33 13.95 7.05 -32.41
C GLN A 33 12.87 5.97 -32.49
N LEU A 34 11.94 5.98 -31.54
CA LEU A 34 10.84 5.02 -31.51
C LEU A 34 9.95 5.24 -32.73
N PHE A 35 9.51 6.47 -32.93
CA PHE A 35 8.73 6.87 -34.11
C PHE A 35 9.42 6.43 -35.40
N ARG A 36 10.73 6.66 -35.47
CA ARG A 36 11.51 6.32 -36.64
C ARG A 36 11.53 4.82 -36.89
N ARG A 37 11.70 4.03 -35.83
CA ARG A 37 11.84 2.58 -35.99
C ARG A 37 10.50 1.92 -36.31
N LEU A 38 9.42 2.59 -35.99
CA LEU A 38 8.09 2.04 -36.25
C LEU A 38 7.70 2.20 -37.72
N ARG A 39 8.24 3.21 -38.40
CA ARG A 39 7.97 3.41 -39.84
C ARG A 39 8.41 2.25 -40.71
N SER A 40 9.37 1.45 -40.22
CA SER A 40 9.83 0.28 -40.96
C SER A 40 8.71 -0.73 -41.23
N THR A 41 7.73 -0.81 -40.34
CA THR A 41 6.69 -1.82 -40.45
C THR A 41 5.28 -1.26 -40.26
N TYR A 42 5.20 -0.04 -39.76
CA TYR A 42 3.92 0.57 -39.40
C TYR A 42 3.86 1.99 -39.90
N ARG A 43 2.72 2.63 -39.73
CA ARG A 43 2.57 4.01 -40.17
C ARG A 43 2.17 4.90 -39.00
N PRO A 44 3.17 5.45 -38.30
CA PRO A 44 2.98 6.31 -37.12
C PRO A 44 2.61 7.74 -37.47
N ASP A 45 1.83 8.34 -36.58
CA ASP A 45 1.33 9.70 -36.72
C ASP A 45 1.21 10.31 -35.33
N LYS A 46 0.85 11.58 -35.25
CA LYS A 46 0.54 12.18 -33.95
C LYS A 46 -0.95 12.48 -33.87
N VAL A 47 -1.46 12.61 -32.64
CA VAL A 47 -2.81 13.13 -32.42
C VAL A 47 -2.72 14.15 -31.29
N ASP A 48 -3.18 15.37 -31.55
CA ASP A 48 -3.05 16.46 -30.59
C ASP A 48 -4.39 16.71 -29.90
N LYS A 49 -4.44 17.73 -29.03
CA LYS A 49 -5.62 17.93 -28.18
C LYS A 49 -6.94 18.15 -28.92
N ASP A 50 -6.92 18.97 -29.96
CA ASP A 50 -8.14 19.27 -30.71
C ASP A 50 -8.62 18.03 -31.46
N ASP A 51 -7.69 17.15 -31.78
CA ASP A 51 -8.01 15.95 -32.54
C ASP A 51 -8.23 14.71 -31.66
N PHE A 52 -8.24 14.88 -30.35
CA PHE A 52 -8.40 13.74 -29.43
C PHE A 52 -9.88 13.34 -29.32
N THR A 53 -10.42 12.77 -30.40
CA THR A 53 -11.83 12.40 -30.45
C THR A 53 -12.00 10.98 -30.95
N LEU A 54 -13.19 10.42 -30.78
CA LEU A 54 -13.46 9.06 -31.26
C LEU A 54 -13.32 8.96 -32.79
N ASP A 55 -13.66 10.03 -33.51
CA ASP A 55 -13.53 10.02 -34.96
C ASP A 55 -12.08 9.91 -35.41
N THR A 56 -11.18 10.65 -34.76
CA THR A 56 -9.78 10.51 -35.08
C THR A 56 -9.29 9.11 -34.76
N LEU A 57 -9.65 8.62 -33.57
CA LEU A 57 -9.17 7.33 -33.08
C LEU A 57 -9.69 6.17 -33.93
N ARG A 58 -10.96 6.24 -34.31
CA ARG A 58 -11.59 5.16 -35.09
C ARG A 58 -10.85 4.79 -36.38
N SER A 59 -10.12 5.73 -36.96
CA SER A 59 -9.35 5.47 -38.17
C SER A 59 -7.99 4.87 -37.86
N ALA A 60 -7.62 4.80 -36.58
CA ALA A 60 -6.30 4.28 -36.25
C ALA A 60 -6.37 2.88 -35.64
N HIS A 61 -5.22 2.22 -35.55
CA HIS A 61 -5.20 0.86 -35.04
C HIS A 61 -4.60 0.75 -33.61
N ILE A 62 -3.59 1.57 -33.33
CA ILE A 62 -2.89 1.56 -32.05
C ILE A 62 -2.74 2.98 -31.54
N LEU A 63 -3.24 3.24 -30.33
CA LEU A 63 -3.05 4.53 -29.67
C LEU A 63 -1.95 4.42 -28.61
N VAL A 64 -1.01 5.33 -28.64
CA VAL A 64 0.07 5.36 -27.66
C VAL A 64 -0.02 6.59 -26.79
N LEU A 65 -0.05 6.38 -25.48
CA LEU A 65 -0.04 7.48 -24.53
C LEU A 65 1.29 7.47 -23.81
N GLY A 66 2.25 8.24 -24.31
CA GLY A 66 3.59 8.23 -23.80
C GLY A 66 3.80 9.16 -22.61
N GLY A 67 3.28 8.74 -21.46
CA GLY A 67 3.44 9.49 -20.21
C GLY A 67 2.54 10.70 -20.05
N PRO A 68 1.22 10.50 -20.00
CA PRO A 68 0.29 11.62 -19.82
C PRO A 68 0.50 12.36 -18.50
N LYS A 69 0.35 13.69 -18.54
CA LYS A 69 0.63 14.54 -17.39
C LYS A 69 -0.60 15.35 -17.04
N GLU A 70 -1.75 14.96 -17.57
CA GLU A 70 -2.98 15.68 -17.28
C GLU A 70 -4.12 14.71 -17.17
N LYS A 71 -5.20 15.17 -16.56
CA LYS A 71 -6.31 14.31 -16.22
C LYS A 71 -7.19 14.04 -17.45
N PHE A 72 -7.79 12.85 -17.49
CA PHE A 72 -8.75 12.51 -18.52
C PHE A 72 -10.13 12.82 -18.00
N THR A 73 -10.98 13.38 -18.86
CA THR A 73 -12.36 13.60 -18.48
C THR A 73 -13.09 12.27 -18.60
N ALA A 74 -14.25 12.18 -17.94
CA ALA A 74 -15.07 10.99 -18.03
C ALA A 74 -15.45 10.66 -19.48
N PRO A 75 -15.79 11.68 -20.30
CA PRO A 75 -16.04 11.31 -21.70
C PRO A 75 -14.81 10.78 -22.43
N GLU A 76 -13.63 11.30 -22.11
CA GLU A 76 -12.40 10.77 -22.70
C GLU A 76 -12.18 9.30 -22.31
N VAL A 77 -12.55 8.95 -21.09
CA VAL A 77 -12.41 7.56 -20.65
C VAL A 77 -13.40 6.65 -21.39
N ASP A 78 -14.66 7.08 -21.51
CA ASP A 78 -15.64 6.35 -22.34
C ASP A 78 -15.16 6.19 -23.77
N MET A 79 -14.55 7.25 -24.30
CA MET A 79 -14.03 7.24 -25.65
C MET A 79 -12.95 6.14 -25.79
N LEU A 80 -12.06 6.05 -24.80
CA LEU A 80 -11.00 5.05 -24.86
C LEU A 80 -11.59 3.64 -24.83
N LYS A 81 -12.58 3.44 -23.96
CA LYS A 81 -13.24 2.16 -23.86
CA LYS A 81 -13.27 2.16 -23.85
C LYS A 81 -13.95 1.79 -25.17
N LYS A 82 -14.59 2.76 -25.80
CA LYS A 82 -15.26 2.54 -27.10
C LYS A 82 -14.26 2.15 -28.18
N PHE A 83 -13.13 2.85 -28.22
CA PHE A 83 -12.05 2.56 -29.16
C PHE A 83 -11.59 1.10 -29.10
N VAL A 84 -11.38 0.60 -27.88
CA VAL A 84 -10.94 -0.78 -27.68
C VAL A 84 -12.05 -1.74 -28.08
N LYS A 85 -13.26 -1.43 -27.65
CA LYS A 85 -14.43 -2.23 -27.99
C LYS A 85 -14.57 -2.40 -29.52
N ASN A 86 -14.22 -1.36 -30.28
CA ASN A 86 -14.33 -1.44 -31.72
C ASN A 86 -13.06 -1.98 -32.36
N GLY A 87 -12.17 -2.52 -31.52
CA GLY A 87 -11.04 -3.29 -32.00
C GLY A 87 -9.71 -2.56 -31.95
N GLY A 88 -9.73 -1.30 -31.50
CA GLY A 88 -8.50 -0.54 -31.40
C GLY A 88 -7.64 -0.99 -30.21
N SER A 89 -6.34 -0.77 -30.32
CA SER A 89 -5.43 -1.14 -29.26
C SER A 89 -4.83 0.10 -28.59
N ILE A 90 -4.52 -0.02 -27.30
CA ILE A 90 -3.93 1.08 -26.54
C ILE A 90 -2.65 0.65 -25.83
N LEU A 91 -1.59 1.42 -26.01
CA LEU A 91 -0.35 1.25 -25.26
C LEU A 91 -0.21 2.44 -24.34
N ILE A 92 -0.20 2.18 -23.04
CA ILE A 92 -0.02 3.25 -22.06
C ILE A 92 1.31 3.08 -21.37
N LEU A 93 2.11 4.14 -21.34
CA LEU A 93 3.40 4.09 -20.67
C LEU A 93 3.44 5.15 -19.57
N MET A 94 3.80 4.73 -18.37
CA MET A 94 3.81 5.67 -17.26
C MET A 94 5.23 5.83 -16.76
N SER A 95 5.41 6.42 -15.59
CA SER A 95 6.76 6.59 -15.08
C SER A 95 6.79 6.58 -13.55
N GLU A 96 7.99 6.61 -13.00
CA GLU A 96 8.19 6.60 -11.55
C GLU A 96 7.32 7.65 -10.88
N GLY A 97 6.72 7.29 -9.75
CA GLY A 97 5.81 8.21 -9.10
C GLY A 97 4.39 7.96 -9.56
N GLY A 98 4.23 7.16 -10.61
CA GLY A 98 2.91 6.78 -11.07
C GLY A 98 2.06 7.98 -11.46
N GLU A 99 0.74 7.85 -11.30
CA GLU A 99 -0.15 8.92 -11.72
C GLU A 99 -0.22 10.10 -10.73
N GLU A 100 0.17 9.88 -9.46
CA GLU A 100 0.18 10.98 -8.47
C GLU A 100 1.16 12.07 -8.86
N LYS A 101 2.40 11.65 -9.11
CA LYS A 101 3.44 12.58 -9.53
C LYS A 101 3.16 13.16 -10.93
N ALA A 102 2.64 12.33 -11.83
CA ALA A 102 2.38 12.76 -13.20
C ALA A 102 1.23 13.77 -13.28
N GLY A 103 0.29 13.68 -12.35
CA GLY A 103 -0.88 14.56 -12.35
C GLY A 103 -2.01 14.12 -13.24
N THR A 104 -2.14 12.82 -13.47
CA THR A 104 -3.21 12.30 -14.29
C THR A 104 -4.09 11.35 -13.47
N ASN A 105 -5.11 10.79 -14.10
CA ASN A 105 -6.05 9.90 -13.42
C ASN A 105 -6.37 8.66 -14.27
N ILE A 106 -5.38 8.20 -15.03
CA ILE A 106 -5.55 7.11 -15.98
C ILE A 106 -5.95 5.77 -15.32
N ASN A 107 -5.68 5.65 -14.02
CA ASN A 107 -6.03 4.42 -13.30
C ASN A 107 -7.52 4.20 -13.28
N TYR A 108 -8.29 5.27 -13.41
CA TYR A 108 -9.73 5.14 -13.50
C TYR A 108 -10.15 4.35 -14.76
N PHE A 109 -9.42 4.52 -15.86
CA PHE A 109 -9.59 3.67 -17.03
C PHE A 109 -8.99 2.26 -16.79
N LEU A 110 -7.71 2.23 -16.40
CA LEU A 110 -6.97 0.98 -16.26
C LEU A 110 -7.56 -0.04 -15.28
N GLU A 111 -8.10 0.43 -14.17
CA GLU A 111 -8.60 -0.48 -13.14
C GLU A 111 -9.83 -1.23 -13.61
N GLN A 112 -10.55 -0.66 -14.57
CA GLN A 112 -11.70 -1.33 -15.17
C GLN A 112 -11.29 -2.55 -16.00
N PHE A 113 -10.00 -2.62 -16.34
CA PHE A 113 -9.45 -3.76 -17.06
C PHE A 113 -8.45 -4.54 -16.18
N GLY A 114 -8.51 -4.32 -14.87
CA GLY A 114 -7.71 -5.10 -13.92
C GLY A 114 -6.29 -4.63 -13.71
N MET A 115 -5.98 -3.38 -14.08
CA MET A 115 -4.61 -2.87 -14.01
C MET A 115 -4.54 -1.51 -13.33
N SER A 116 -3.42 -1.22 -12.69
CA SER A 116 -3.24 0.05 -12.01
C SER A 116 -1.75 0.38 -11.91
N VAL A 117 -1.39 1.63 -12.20
CA VAL A 117 -0.03 2.07 -12.03
C VAL A 117 0.19 2.48 -10.55
N ASN A 118 1.28 2.01 -9.97
CA ASN A 118 1.55 2.33 -8.57
C ASN A 118 2.36 3.60 -8.44
N ASN A 119 2.28 4.21 -7.26
CA ASN A 119 3.01 5.44 -6.95
C ASN A 119 4.36 5.14 -6.32
N ASP A 120 5.22 4.46 -7.06
CA ASP A 120 6.51 4.08 -6.54
C ASP A 120 7.60 4.26 -7.59
N ALA A 121 8.83 3.86 -7.24
CA ALA A 121 9.97 4.02 -8.14
C ALA A 121 10.93 2.84 -7.98
N VAL A 122 11.10 2.07 -9.05
CA VAL A 122 11.97 0.91 -9.03
C VAL A 122 13.46 1.32 -9.02
N VAL A 123 14.23 0.71 -8.14
CA VAL A 123 15.65 1.01 -8.03
C VAL A 123 16.45 -0.26 -7.94
N ARG A 124 17.72 -0.17 -8.29
CA ARG A 124 18.61 -1.30 -8.20
C ARG A 124 18.95 -1.63 -6.76
N THR A 125 19.04 -2.92 -6.46
CA THR A 125 19.56 -3.33 -5.16
C THR A 125 20.98 -3.88 -5.28
N THR A 126 21.50 -3.94 -6.51
CA THR A 126 22.89 -4.35 -6.74
C THR A 126 23.66 -3.34 -7.57
N HIS A 127 24.98 -3.46 -7.55
CA HIS A 127 25.86 -2.49 -8.18
C HIS A 127 26.02 -2.71 -9.67
N TYR A 128 25.80 -1.65 -10.45
CA TYR A 128 26.24 -1.61 -11.84
C TYR A 128 26.87 -0.24 -12.02
N LYS A 129 28.06 -0.20 -12.61
CA LYS A 129 28.86 1.03 -12.67
C LYS A 129 28.25 2.20 -13.44
N TYR A 130 27.69 1.92 -14.61
CA TYR A 130 27.19 2.99 -15.48
C TYR A 130 25.71 3.32 -15.38
N LEU A 131 25.00 2.69 -14.45
CA LEU A 131 23.58 2.98 -14.27
C LEU A 131 23.32 3.85 -13.03
N HIS A 132 22.44 4.84 -13.15
CA HIS A 132 21.88 5.53 -11.98
C HIS A 132 20.95 4.58 -11.25
N PRO A 133 20.73 4.79 -9.94
CA PRO A 133 19.91 3.82 -9.18
C PRO A 133 18.53 3.48 -9.78
N LYS A 134 17.86 4.46 -10.37
CA LYS A 134 16.54 4.21 -10.96
C LYS A 134 16.60 3.69 -12.41
N GLU A 135 17.80 3.34 -12.88
CA GLU A 135 17.98 2.67 -14.18
C GLU A 135 18.30 1.22 -13.91
N VAL A 136 17.29 0.36 -14.03
CA VAL A 136 17.39 -1.00 -13.54
C VAL A 136 17.63 -2.02 -14.66
N LEU A 137 18.67 -2.82 -14.54
CA LEU A 137 18.91 -3.90 -15.49
C LEU A 137 18.17 -5.16 -15.02
N ILE A 138 17.27 -5.67 -15.86
CA ILE A 138 16.43 -6.77 -15.46
C ILE A 138 16.72 -7.96 -16.35
N SER A 139 17.20 -9.05 -15.77
CA SER A 139 17.60 -10.23 -16.56
C SER A 139 16.70 -11.44 -16.35
N ASP A 140 15.84 -11.38 -15.35
CA ASP A 140 14.92 -12.47 -15.08
C ASP A 140 13.50 -11.95 -14.87
N GLY A 141 13.12 -10.94 -15.64
CA GLY A 141 11.81 -10.32 -15.50
C GLY A 141 10.78 -10.66 -16.57
N ILE A 142 10.98 -11.74 -17.31
CA ILE A 142 9.98 -12.11 -18.30
C ILE A 142 8.93 -13.03 -17.68
N LEU A 143 7.70 -12.55 -17.57
CA LEU A 143 6.64 -13.33 -16.91
C LEU A 143 5.88 -14.22 -17.89
N ASN A 144 5.86 -13.84 -19.16
CA ASN A 144 5.18 -14.67 -20.17
C ASN A 144 6.12 -14.95 -21.31
N ARG A 145 6.34 -16.23 -21.61
CA ARG A 145 7.40 -16.57 -22.54
C ARG A 145 7.04 -16.17 -23.99
N ALA A 146 5.78 -15.81 -24.22
CA ALA A 146 5.37 -15.24 -25.51
C ALA A 146 6.11 -13.95 -25.82
N VAL A 147 6.65 -13.29 -24.78
CA VAL A 147 7.43 -12.08 -25.00
C VAL A 147 8.71 -12.44 -25.74
N ILE A 148 9.28 -13.60 -25.44
CA ILE A 148 10.51 -14.04 -26.08
C ILE A 148 10.25 -14.63 -27.46
N THR A 149 9.32 -15.59 -27.51
CA THR A 149 8.97 -16.27 -28.76
C THR A 149 8.38 -15.32 -29.79
N ASP A 161 34.12 -10.40 -3.13
CA ASP A 161 33.21 -9.76 -4.09
C ASP A 161 33.18 -8.26 -3.92
N GLU A 162 32.79 -7.55 -4.99
CA GLU A 162 32.65 -6.11 -4.93
C GLU A 162 31.51 -5.68 -4.01
N PHE A 163 31.56 -4.43 -3.55
CA PHE A 163 30.46 -3.81 -2.81
C PHE A 163 29.16 -3.98 -3.58
N ARG A 164 28.18 -4.63 -2.95
CA ARG A 164 26.84 -4.80 -3.52
C ARG A 164 26.86 -5.57 -4.85
N VAL A 165 27.86 -6.43 -5.04
CA VAL A 165 27.96 -7.27 -6.23
C VAL A 165 28.38 -8.69 -5.90
N PHE A 172 11.21 -22.84 -18.33
CA PHE A 172 11.09 -21.39 -18.36
C PHE A 172 11.16 -20.80 -16.96
N ASP A 173 12.18 -19.97 -16.73
CA ASP A 173 12.44 -19.41 -15.41
C ASP A 173 12.41 -17.88 -15.42
N GLY A 174 11.89 -17.29 -16.50
CA GLY A 174 11.77 -15.85 -16.58
C GLY A 174 13.01 -15.17 -17.15
N THR A 175 14.01 -15.97 -17.49
CA THR A 175 15.19 -15.45 -18.18
C THR A 175 15.02 -15.68 -19.67
N GLY A 176 15.98 -15.22 -20.44
CA GLY A 176 15.95 -15.37 -21.88
C GLY A 176 15.96 -14.04 -22.61
N LEU A 177 15.88 -12.96 -21.86
CA LEU A 177 15.90 -11.62 -22.43
C LEU A 177 16.29 -10.61 -21.35
N GLU A 178 17.17 -9.67 -21.67
CA GLU A 178 17.65 -8.69 -20.70
C GLU A 178 17.29 -7.31 -21.18
N TYR A 179 16.76 -6.48 -20.29
CA TYR A 179 16.37 -5.13 -20.67
C TYR A 179 16.60 -4.13 -19.55
N VAL A 180 16.57 -2.85 -19.89
CA VAL A 180 16.76 -1.80 -18.91
C VAL A 180 15.46 -1.07 -18.71
N PHE A 181 15.12 -0.91 -17.43
CA PHE A 181 13.86 -0.32 -17.04
C PHE A 181 14.22 0.94 -16.27
N PRO A 182 14.27 2.07 -16.99
CA PRO A 182 14.75 3.29 -16.35
C PRO A 182 13.61 4.15 -15.83
N PHE A 183 13.75 4.65 -14.60
CA PHE A 183 12.81 5.59 -14.01
C PHE A 183 11.34 5.17 -14.14
N GLY A 184 11.08 3.91 -13.81
CA GLY A 184 9.72 3.40 -13.87
C GLY A 184 9.04 3.09 -12.54
N ALA A 185 7.74 2.85 -12.63
CA ALA A 185 6.89 2.43 -11.53
C ALA A 185 6.46 0.98 -11.74
N THR A 186 6.01 0.32 -10.68
CA THR A 186 5.38 -1.01 -10.82
C THR A 186 3.90 -0.88 -11.07
N LEU A 187 3.27 -2.00 -11.44
CA LEU A 187 1.84 -2.05 -11.69
C LEU A 187 1.20 -3.00 -10.73
N SER A 188 -0.06 -2.74 -10.39
CA SER A 188 -0.89 -3.76 -9.75
C SER A 188 -1.72 -4.38 -10.85
N VAL A 189 -1.75 -5.71 -10.90
CA VAL A 189 -2.39 -6.45 -11.99
C VAL A 189 -3.20 -7.61 -11.43
N GLN A 190 -4.43 -7.73 -11.90
CA GLN A 190 -5.29 -8.86 -11.57
C GLN A 190 -6.09 -9.25 -12.83
N LYS A 191 -6.63 -10.47 -12.84
CA LYS A 191 -7.62 -10.84 -13.83
C LYS A 191 -8.70 -9.75 -13.86
N PRO A 192 -9.16 -9.39 -15.07
CA PRO A 192 -8.91 -10.06 -16.36
C PRO A 192 -7.58 -9.71 -17.06
N ALA A 193 -6.76 -8.86 -16.48
CA ALA A 193 -5.47 -8.54 -17.09
C ALA A 193 -4.43 -9.61 -16.75
N VAL A 194 -3.29 -9.55 -17.44
CA VAL A 194 -2.23 -10.53 -17.29
C VAL A 194 -0.91 -9.80 -17.26
N PRO A 195 -0.08 -10.04 -16.22
CA PRO A 195 1.23 -9.39 -16.22
C PRO A 195 2.21 -10.09 -17.15
N VAL A 196 3.07 -9.33 -17.84
CA VAL A 196 3.99 -9.95 -18.78
C VAL A 196 5.46 -9.65 -18.52
N LEU A 197 5.74 -8.57 -17.79
CA LEU A 197 7.11 -8.19 -17.41
C LEU A 197 7.14 -7.95 -15.91
N SER A 198 8.26 -8.26 -15.26
CA SER A 198 8.40 -7.96 -13.84
C SER A 198 9.69 -7.20 -13.56
N SER A 199 9.81 -6.69 -12.35
CA SER A 199 10.98 -5.94 -11.94
C SER A 199 12.17 -6.85 -11.71
N GLY A 200 11.95 -8.16 -11.65
CA GLY A 200 13.03 -9.10 -11.45
C GLY A 200 13.59 -9.11 -10.02
N LYS A 201 14.69 -9.83 -9.82
CA LYS A 201 15.11 -10.13 -8.45
C LYS A 201 16.13 -9.15 -7.85
N ILE A 202 16.70 -8.25 -8.64
CA ILE A 202 17.73 -7.35 -8.10
C ILE A 202 17.26 -5.93 -8.19
N ALA A 203 15.96 -5.76 -7.96
CA ALA A 203 15.32 -4.47 -7.90
C ALA A 203 14.50 -4.35 -6.62
N TYR A 204 14.26 -3.12 -6.18
CA TYR A 204 13.24 -2.85 -5.18
C TYR A 204 12.11 -2.10 -5.85
N PRO A 205 10.87 -2.61 -5.74
CA PRO A 205 10.48 -3.86 -5.09
C PRO A 205 10.68 -5.05 -6.00
N MET A 206 11.14 -6.18 -5.47
CA MET A 206 11.45 -7.29 -6.36
C MET A 206 10.21 -8.05 -6.86
N ASN A 207 10.35 -8.58 -8.07
CA ASN A 207 9.36 -9.45 -8.68
C ASN A 207 7.95 -8.88 -8.65
N ARG A 208 7.84 -7.60 -8.96
CA ARG A 208 6.54 -6.96 -9.12
C ARG A 208 6.31 -6.68 -10.60
N PRO A 209 5.04 -6.74 -11.04
CA PRO A 209 4.75 -6.44 -12.44
C PRO A 209 5.18 -5.04 -12.82
N VAL A 210 5.74 -4.96 -14.01
CA VAL A 210 6.18 -3.71 -14.57
C VAL A 210 5.55 -3.52 -15.99
N GLY A 211 5.01 -4.61 -16.52
CA GLY A 211 4.29 -4.55 -17.78
C GLY A 211 3.14 -5.53 -17.74
N ALA A 212 2.01 -5.14 -18.32
CA ALA A 212 0.80 -5.94 -18.26
C ALA A 212 -0.05 -5.75 -19.51
N VAL A 213 -0.94 -6.69 -19.79
CA VAL A 213 -1.85 -6.58 -20.95
C VAL A 213 -3.25 -7.06 -20.64
N TRP A 214 -4.20 -6.56 -21.44
CA TRP A 214 -5.59 -7.03 -21.44
C TRP A 214 -5.96 -7.37 -22.87
N ALA A 215 -6.62 -8.50 -23.08
CA ALA A 215 -7.13 -8.83 -24.41
C ALA A 215 -8.39 -9.66 -24.29
N GLN A 216 -9.28 -9.51 -25.26
CA GLN A 216 -10.45 -10.37 -25.38
C GLN A 216 -10.68 -10.66 -26.86
N PRO A 217 -10.84 -11.94 -27.21
CA PRO A 217 -11.11 -12.33 -28.60
C PRO A 217 -12.27 -11.54 -29.19
N GLY A 218 -12.06 -10.95 -30.37
CA GLY A 218 -13.08 -10.18 -31.03
C GLY A 218 -13.03 -8.69 -30.71
N TYR A 219 -12.13 -8.30 -29.81
CA TYR A 219 -12.05 -6.91 -29.38
C TYR A 219 -10.63 -6.39 -29.36
N GLY A 220 -10.46 -5.13 -28.98
CA GLY A 220 -9.14 -4.54 -28.96
C GLY A 220 -8.33 -5.07 -27.79
N ARG A 221 -7.16 -4.48 -27.60
CA ARG A 221 -6.21 -4.91 -26.59
C ARG A 221 -5.63 -3.70 -25.91
N ILE A 222 -5.12 -3.90 -24.69
CA ILE A 222 -4.48 -2.84 -23.92
C ILE A 222 -3.16 -3.36 -23.36
N ALA A 223 -2.12 -2.55 -23.45
CA ALA A 223 -0.84 -2.87 -22.82
C ALA A 223 -0.43 -1.68 -21.97
N VAL A 224 0.13 -1.97 -20.80
CA VAL A 224 0.61 -0.94 -19.89
C VAL A 224 2.05 -1.22 -19.52
N LEU A 225 2.87 -0.19 -19.57
CA LEU A 225 4.28 -0.28 -19.15
C LEU A 225 4.56 0.81 -18.12
N GLY A 226 5.29 0.46 -17.06
CA GLY A 226 5.55 1.42 -16.01
C GLY A 226 6.68 2.39 -16.30
N SER A 227 7.21 2.36 -17.53
CA SER A 227 8.33 3.24 -17.93
C SER A 227 8.20 3.76 -19.38
N CYS A 228 8.29 5.07 -19.58
CA CYS A 228 8.40 5.65 -20.93
CA CYS A 228 8.36 5.56 -20.95
C CYS A 228 9.84 5.60 -21.38
N ALA A 229 10.71 5.85 -20.42
CA ALA A 229 12.13 5.98 -20.71
C ALA A 229 12.72 4.72 -21.34
N MET A 230 12.12 3.55 -21.10
CA MET A 230 12.73 2.34 -21.63
C MET A 230 12.71 2.32 -23.17
N PHE A 231 11.84 3.12 -23.78
CA PHE A 231 11.77 3.20 -25.24
C PHE A 231 12.30 4.52 -25.80
N ASP A 232 12.98 5.30 -24.96
CA ASP A 232 13.42 6.62 -25.41
C ASP A 232 14.70 6.50 -26.23
N ASP A 233 15.21 7.64 -26.67
CA ASP A 233 16.29 7.65 -27.65
C ASP A 233 17.55 7.04 -27.06
N LYS A 234 17.76 7.22 -25.77
CA LYS A 234 18.90 6.57 -25.14
C LYS A 234 18.72 5.06 -25.05
N TRP A 235 17.57 4.60 -24.56
CA TRP A 235 17.49 3.19 -24.12
C TRP A 235 16.93 2.22 -25.17
N LEU A 236 16.19 2.71 -26.15
CA LEU A 236 15.58 1.80 -27.12
C LEU A 236 16.59 0.83 -27.75
N ASP A 237 17.82 1.30 -27.99
CA ASP A 237 18.85 0.46 -28.61
C ASP A 237 19.69 -0.36 -27.66
N LYS A 238 19.56 -0.11 -26.36
CA LYS A 238 20.37 -0.82 -25.36
C LYS A 238 19.77 -2.18 -25.04
N GLU A 239 20.65 -3.09 -24.60
CA GLU A 239 20.27 -4.47 -24.28
C GLU A 239 19.26 -4.98 -25.29
N GLU A 240 18.15 -5.56 -24.81
CA GLU A 240 17.10 -6.01 -25.72
C GLU A 240 15.80 -5.24 -25.59
N ASN A 241 15.89 -3.96 -25.24
CA ASN A 241 14.72 -3.11 -25.13
C ASN A 241 13.86 -3.02 -26.40
N SER A 242 14.50 -3.02 -27.57
CA SER A 242 13.73 -2.88 -28.81
C SER A 242 13.03 -4.17 -29.17
N LYS A 243 13.52 -5.29 -28.65
CA LYS A 243 12.81 -6.57 -28.78
C LYS A 243 11.54 -6.59 -27.92
N ILE A 244 11.60 -5.95 -26.75
CA ILE A 244 10.41 -5.77 -25.92
C ILE A 244 9.44 -4.87 -26.68
N MET A 245 9.99 -3.80 -27.24
CA MET A 245 9.21 -2.90 -28.07
C MET A 245 8.55 -3.66 -29.22
N ASP A 246 9.34 -4.50 -29.90
CA ASP A 246 8.81 -5.31 -31.00
C ASP A 246 7.62 -6.15 -30.51
N PHE A 247 7.76 -6.76 -29.33
CA PHE A 247 6.70 -7.63 -28.83
C PHE A 247 5.38 -6.88 -28.65
N PHE A 248 5.45 -5.72 -28.01
CA PHE A 248 4.23 -5.01 -27.66
C PHE A 248 3.43 -4.54 -28.89
N PHE A 249 4.12 -4.03 -29.91
CA PHE A 249 3.39 -3.56 -31.08
C PHE A 249 2.89 -4.74 -31.94
N LYS A 250 3.64 -5.84 -31.97
CA LYS A 250 3.10 -7.05 -32.60
C LYS A 250 1.88 -7.59 -31.85
N PHE A 251 1.87 -7.43 -30.52
CA PHE A 251 0.75 -7.88 -29.72
C PHE A 251 -0.46 -6.99 -29.93
N LEU A 252 -0.22 -5.69 -30.12
CA LEU A 252 -1.31 -4.72 -30.20
C LEU A 252 -1.87 -4.55 -31.63
N GLU A 253 -1.11 -4.99 -32.64
CA GLU A 253 -1.49 -4.73 -34.04
C GLU A 253 -2.74 -5.50 -34.47
N PRO A 254 -3.50 -4.97 -35.46
CA PRO A 254 -4.74 -5.65 -35.91
C PRO A 254 -4.51 -7.13 -36.25
N HIS A 255 -5.45 -7.97 -35.83
CA HIS A 255 -5.40 -9.41 -36.07
C HIS A 255 -4.03 -9.98 -35.73
N SER A 256 -3.56 -9.60 -34.54
CA SER A 256 -2.25 -10.06 -34.07
C SER A 256 -2.14 -11.57 -34.05
N LYS A 257 -0.98 -12.07 -34.44
CA LYS A 257 -0.67 -13.49 -34.35
C LYS A 257 -0.16 -13.89 -32.95
N ILE A 258 0.08 -12.89 -32.10
CA ILE A 258 0.65 -13.14 -30.77
C ILE A 258 -0.38 -13.77 -29.84
N GLN A 259 -0.07 -14.95 -29.34
CA GLN A 259 -0.88 -15.55 -28.29
C GLN A 259 -0.05 -15.70 -27.01
N LEU A 260 -0.61 -15.26 -25.88
CA LEU A 260 0.09 -15.39 -24.61
C LEU A 260 0.19 -16.84 -24.20
N ASN A 261 1.32 -17.23 -23.63
CA ASN A 261 1.43 -18.56 -23.07
C ASN A 261 0.41 -18.70 -21.94
N ASP A 262 -0.43 -19.73 -22.01
CA ASP A 262 -1.54 -19.87 -21.08
C ASP A 262 -1.10 -20.29 -19.69
N ILE A 263 -0.06 -21.11 -19.59
CA ILE A 263 0.47 -21.50 -18.29
C ILE A 263 1.02 -20.28 -17.56
N ASP A 264 1.82 -19.49 -18.29
CA ASP A 264 2.42 -18.30 -17.70
C ASP A 264 1.36 -17.29 -17.31
N ALA A 265 0.27 -17.25 -18.08
CA ALA A 265 -0.79 -16.28 -17.82
C ALA A 265 -1.57 -16.65 -16.57
N GLU A 266 -1.83 -17.94 -16.38
CA GLU A 266 -2.67 -18.34 -15.27
C GLU A 266 -1.87 -18.40 -13.97
N GLU A 267 -0.59 -18.76 -14.11
CA GLU A 267 0.30 -18.84 -12.97
C GLU A 267 1.61 -18.09 -13.21
N PRO A 268 1.55 -16.74 -13.29
CA PRO A 268 2.76 -15.92 -13.50
C PRO A 268 3.65 -15.87 -12.26
N ASP A 269 4.97 -15.94 -12.46
CA ASP A 269 5.95 -15.98 -11.38
C ASP A 269 6.24 -14.54 -10.86
N VAL A 270 5.25 -13.90 -10.24
CA VAL A 270 5.40 -12.50 -9.83
C VAL A 270 4.69 -12.19 -8.52
N GLU B 12 38.04 3.75 21.21
CA GLU B 12 38.10 2.61 20.31
C GLU B 12 37.02 2.68 19.22
N VAL B 13 35.74 2.76 19.60
CA VAL B 13 34.64 2.84 18.62
C VAL B 13 33.94 4.20 18.63
N ARG B 14 34.05 4.94 17.54
CA ARG B 14 33.48 6.28 17.45
C ARG B 14 32.12 6.31 16.76
N ILE B 15 31.16 6.93 17.44
CA ILE B 15 29.79 6.99 16.97
C ILE B 15 29.38 8.43 16.78
N LEU B 16 28.89 8.74 15.60
CA LEU B 16 28.40 10.09 15.31
C LEU B 16 26.87 10.15 15.33
N PHE B 17 26.34 11.05 16.15
CA PHE B 17 24.90 11.33 16.13
C PHE B 17 24.61 12.54 15.27
N SER B 18 23.86 12.34 14.20
CA SER B 18 23.62 13.41 13.26
C SER B 18 22.62 14.45 13.77
N THR B 19 22.87 15.71 13.46
CA THR B 19 21.95 16.82 13.71
C THR B 19 21.75 17.59 12.41
N ALA B 20 22.31 17.05 11.32
CA ALA B 20 22.32 17.70 10.02
C ALA B 20 20.95 17.77 9.33
N LYS B 21 20.01 16.95 9.78
CA LYS B 21 18.66 16.88 9.19
C LYS B 21 17.54 17.13 10.19
N GLY B 22 17.84 17.93 11.21
CA GLY B 22 16.86 18.29 12.20
C GLY B 22 16.42 17.12 13.04
N GLU B 23 17.32 16.17 13.25
CA GLU B 23 17.01 14.93 13.96
C GLU B 23 16.31 15.19 15.29
N SER B 24 15.16 14.54 15.45
CA SER B 24 14.32 14.70 16.64
C SER B 24 14.94 14.07 17.87
N HIS B 25 15.73 13.02 17.67
CA HIS B 25 16.42 12.39 18.77
C HIS B 25 17.92 12.50 18.57
N THR B 26 18.55 13.27 19.44
CA THR B 26 19.97 13.57 19.37
C THR B 26 20.55 13.56 20.77
N HIS B 27 21.82 13.93 20.87
CA HIS B 27 22.42 14.11 22.19
C HIS B 27 21.68 15.18 22.98
N LYS B 28 21.32 16.27 22.28
CA LYS B 28 20.61 17.39 22.90
C LYS B 28 19.26 16.95 23.48
N ALA B 29 18.43 16.31 22.65
CA ALA B 29 17.10 15.89 23.11
C ALA B 29 16.74 14.48 22.64
N GLY B 30 16.60 13.57 23.59
CA GLY B 30 16.15 12.21 23.31
C GLY B 30 17.10 11.05 23.56
N PHE B 31 18.38 11.17 23.20
CA PHE B 31 19.24 10.01 23.30
C PHE B 31 20.30 10.10 24.41
N LYS B 32 20.00 10.87 25.45
CA LYS B 32 20.92 11.07 26.56
C LYS B 32 21.29 9.75 27.25
N GLN B 33 20.30 9.00 27.72
CA GLN B 33 20.56 7.70 28.36
C GLN B 33 21.23 6.74 27.40
N LEU B 34 20.85 6.84 26.12
CA LEU B 34 21.49 6.05 25.10
C LEU B 34 22.94 6.51 24.97
N PHE B 35 23.10 7.82 24.76
CA PHE B 35 24.42 8.47 24.64
C PHE B 35 25.32 8.07 25.79
N ARG B 36 24.76 8.08 27.01
CA ARG B 36 25.47 7.74 28.23
C ARG B 36 25.84 6.26 28.30
N ARG B 37 24.91 5.38 27.93
CA ARG B 37 25.18 3.94 28.01
C ARG B 37 26.16 3.56 26.91
N LEU B 38 26.25 4.41 25.89
CA LEU B 38 27.18 4.16 24.79
C LEU B 38 28.57 4.67 25.14
N ARG B 39 28.61 5.68 26.02
CA ARG B 39 29.88 6.24 26.52
C ARG B 39 30.69 5.17 27.25
N SER B 40 30.00 4.18 27.81
CA SER B 40 30.63 3.08 28.53
C SER B 40 31.60 2.25 27.70
N THR B 41 31.34 2.10 26.40
CA THR B 41 32.15 1.22 25.57
C THR B 41 32.54 1.89 24.26
N TYR B 42 31.93 3.05 23.99
CA TYR B 42 32.15 3.75 22.74
C TYR B 42 32.48 5.22 23.00
N ARG B 43 32.83 5.92 21.93
CA ARG B 43 33.10 7.36 22.01
C ARG B 43 32.14 8.14 21.09
N PRO B 44 30.98 8.54 21.65
CA PRO B 44 29.96 9.27 20.89
C PRO B 44 30.26 10.76 20.68
N ASP B 45 29.82 11.29 19.54
CA ASP B 45 29.99 12.70 19.19
C ASP B 45 28.81 13.11 18.26
N LYS B 46 28.68 14.39 17.91
CA LYS B 46 27.66 14.78 16.94
C LYS B 46 28.27 15.23 15.61
N VAL B 47 27.45 15.25 14.57
CA VAL B 47 27.83 15.83 13.30
C VAL B 47 26.69 16.73 12.82
N ASP B 48 27.00 17.99 12.57
CA ASP B 48 25.97 18.97 12.20
C ASP B 48 25.97 19.21 10.70
N LYS B 49 25.12 20.14 10.26
CA LYS B 49 24.87 20.36 8.85
C LYS B 49 26.16 20.72 8.09
N ASP B 50 26.95 21.62 8.67
CA ASP B 50 28.20 22.06 8.04
C ASP B 50 29.23 20.94 7.92
N ASP B 51 29.22 20.02 8.88
CA ASP B 51 30.23 18.97 8.90
C ASP B 51 29.73 17.64 8.32
N PHE B 52 28.52 17.63 7.75
CA PHE B 52 27.90 16.40 7.25
C PHE B 52 28.52 16.04 5.89
N THR B 53 29.76 15.58 5.93
CA THR B 53 30.51 15.25 4.72
C THR B 53 31.11 13.86 4.85
N LEU B 54 31.52 13.29 3.73
CA LEU B 54 32.16 11.99 3.74
C LEU B 54 33.47 12.02 4.59
N ASP B 55 34.19 13.14 4.58
CA ASP B 55 35.42 13.23 5.39
C ASP B 55 35.12 13.12 6.88
N THR B 56 34.08 13.81 7.33
CA THR B 56 33.66 13.68 8.72
C THR B 56 33.24 12.26 9.08
N LEU B 57 32.41 11.64 8.23
CA LEU B 57 31.88 10.30 8.52
C LEU B 57 32.96 9.23 8.60
N ARG B 58 33.91 9.28 7.68
CA ARG B 58 35.03 8.32 7.65
CA ARG B 58 34.97 8.26 7.68
C ARG B 58 35.90 8.41 8.90
N SER B 59 35.77 9.49 9.64
CA SER B 59 36.61 9.60 10.83
C SER B 59 36.01 8.73 11.93
N ALA B 60 34.74 8.32 11.74
CA ALA B 60 34.00 7.53 12.72
C ALA B 60 33.63 6.13 12.21
N HIS B 61 33.08 5.30 13.09
CA HIS B 61 32.70 3.94 12.73
C HIS B 61 31.19 3.73 12.52
N ILE B 62 30.38 4.45 13.29
CA ILE B 62 28.93 4.28 13.27
C ILE B 62 28.27 5.65 13.17
N LEU B 63 27.41 5.83 12.17
CA LEU B 63 26.59 7.03 12.07
C LEU B 63 25.18 6.70 12.55
N VAL B 64 24.61 7.54 13.41
CA VAL B 64 23.23 7.34 13.86
C VAL B 64 22.38 8.47 13.32
N LEU B 65 21.32 8.12 12.60
CA LEU B 65 20.38 9.15 12.14
C LEU B 65 19.11 8.97 12.93
N GLY B 66 19.00 9.73 14.01
CA GLY B 66 17.91 9.60 14.96
C GLY B 66 16.69 10.44 14.60
N GLY B 67 15.93 9.98 13.60
CA GLY B 67 14.71 10.67 13.20
C GLY B 67 14.89 11.91 12.35
N PRO B 68 15.47 11.77 11.14
CA PRO B 68 15.68 12.88 10.23
C PRO B 68 14.35 13.49 9.79
N LYS B 69 14.32 14.82 9.69
CA LYS B 69 13.10 15.58 9.43
C LYS B 69 13.25 16.47 8.23
N GLU B 70 14.28 16.22 7.44
CA GLU B 70 14.57 17.00 6.26
C GLU B 70 15.12 16.10 5.18
N LYS B 71 15.08 16.57 3.94
CA LYS B 71 15.44 15.76 2.80
C LYS B 71 16.94 15.66 2.62
N PHE B 72 17.39 14.54 2.09
CA PHE B 72 18.79 14.33 1.70
C PHE B 72 18.97 14.69 0.23
N THR B 73 20.09 15.32 -0.11
CA THR B 73 20.38 15.60 -1.51
C THR B 73 20.92 14.32 -2.14
N ALA B 74 20.91 14.25 -3.46
CA ALA B 74 21.49 13.10 -4.15
C ALA B 74 22.98 12.86 -3.80
N PRO B 75 23.79 13.94 -3.71
CA PRO B 75 25.17 13.66 -3.24
C PRO B 75 25.24 13.16 -1.79
N GLU B 76 24.35 13.62 -0.92
CA GLU B 76 24.32 13.08 0.45
C GLU B 76 24.00 11.58 0.45
N VAL B 77 23.12 11.16 -0.45
CA VAL B 77 22.76 9.75 -0.52
C VAL B 77 23.95 8.95 -1.01
N ASP B 78 24.60 9.46 -2.04
CA ASP B 78 25.85 8.84 -2.50
C ASP B 78 26.90 8.76 -1.38
N MET B 79 27.01 9.81 -0.58
CA MET B 79 27.96 9.85 0.54
C MET B 79 27.68 8.72 1.53
N LEU B 80 26.41 8.49 1.84
CA LEU B 80 26.07 7.46 2.81
C LEU B 80 26.46 6.10 2.28
N LYS B 81 26.23 5.86 0.98
CA LYS B 81 26.65 4.62 0.33
C LYS B 81 28.18 4.41 0.36
N LYS B 82 28.93 5.46 0.06
CA LYS B 82 30.40 5.41 0.16
C LYS B 82 30.86 5.13 1.58
N PHE B 83 30.21 5.77 2.55
CA PHE B 83 30.53 5.53 3.95
C PHE B 83 30.43 4.03 4.27
N VAL B 84 29.33 3.39 3.84
CA VAL B 84 29.14 1.96 4.08
C VAL B 84 30.13 1.12 3.27
N LYS B 85 30.37 1.50 2.03
CA LYS B 85 31.35 0.78 1.19
C LYS B 85 32.72 0.73 1.85
N ASN B 86 33.09 1.82 2.49
CA ASN B 86 34.40 1.89 3.15
C ASN B 86 34.37 1.33 4.57
N GLY B 87 33.27 0.67 4.92
CA GLY B 87 33.23 -0.12 6.14
C GLY B 87 32.46 0.52 7.29
N GLY B 88 31.92 1.71 7.08
CA GLY B 88 31.14 2.37 8.11
C GLY B 88 29.77 1.73 8.30
N SER B 89 29.23 1.89 9.51
CA SER B 89 27.90 1.38 9.81
C SER B 89 26.92 2.50 10.03
N ILE B 90 25.66 2.26 9.66
CA ILE B 90 24.60 3.25 9.81
C ILE B 90 23.40 2.68 10.58
N LEU B 91 22.95 3.42 11.57
CA LEU B 91 21.69 3.11 12.26
C LEU B 91 20.71 4.23 11.94
N ILE B 92 19.61 3.88 11.28
CA ILE B 92 18.58 4.84 10.97
C ILE B 92 17.34 4.52 11.81
N LEU B 93 16.84 5.54 12.50
CA LEU B 93 15.64 5.36 13.28
C LEU B 93 14.56 6.31 12.76
N MET B 94 13.40 5.76 12.50
CA MET B 94 12.31 6.57 11.99
C MET B 94 11.20 6.53 13.02
N SER B 95 10.02 7.02 12.66
CA SER B 95 8.91 7.04 13.61
C SER B 95 7.58 6.95 12.87
N GLU B 96 6.48 6.91 13.62
CA GLU B 96 5.13 6.78 13.05
C GLU B 96 4.87 7.80 11.98
N GLY B 97 4.23 7.38 10.90
CA GLY B 97 4.01 8.27 9.78
C GLY B 97 5.11 8.17 8.74
N GLY B 98 6.20 7.49 9.09
CA GLY B 98 7.29 7.28 8.14
C GLY B 98 7.91 8.56 7.60
N GLU B 99 8.44 8.49 6.39
CA GLU B 99 9.12 9.65 5.82
C GLU B 99 8.17 10.73 5.31
N GLU B 100 6.92 10.37 5.06
CA GLU B 100 5.90 11.33 4.64
C GLU B 100 5.64 12.37 5.71
N LYS B 101 5.35 11.90 6.92
CA LYS B 101 5.09 12.79 8.04
C LYS B 101 6.37 13.52 8.44
N ALA B 102 7.51 12.83 8.38
CA ALA B 102 8.79 13.42 8.79
C ALA B 102 9.24 14.51 7.83
N GLY B 103 8.88 14.37 6.55
CA GLY B 103 9.32 15.31 5.53
C GLY B 103 10.70 15.01 5.00
N THR B 104 11.10 13.73 5.02
CA THR B 104 12.40 13.38 4.47
C THR B 104 12.22 12.39 3.31
N ASN B 105 13.34 11.97 2.72
CA ASN B 105 13.33 11.10 1.56
C ASN B 105 14.35 9.98 1.68
N ILE B 106 14.56 9.53 2.93
CA ILE B 106 15.60 8.54 3.24
C ILE B 106 15.33 7.19 2.56
N ASN B 107 14.08 6.94 2.12
CA ASN B 107 13.78 5.67 1.47
C ASN B 107 14.52 5.49 0.14
N TYR B 108 14.89 6.57 -0.51
CA TYR B 108 15.69 6.43 -1.74
C TYR B 108 17.05 5.80 -1.45
N PHE B 109 17.63 6.09 -0.28
CA PHE B 109 18.80 5.35 0.16
C PHE B 109 18.45 3.93 0.58
N LEU B 110 17.46 3.78 1.48
CA LEU B 110 17.16 2.47 2.04
C LEU B 110 16.75 1.42 1.01
N GLU B 111 15.97 1.85 0.02
CA GLU B 111 15.43 0.89 -0.94
C GLU B 111 16.51 0.28 -1.79
N GLN B 112 17.62 0.99 -1.94
CA GLN B 112 18.77 0.45 -2.67
C GLN B 112 19.40 -0.70 -1.91
N PHE B 113 19.06 -0.83 -0.63
CA PHE B 113 19.52 -1.96 0.18
C PHE B 113 18.38 -2.89 0.60
N GLY B 114 17.23 -2.81 -0.07
CA GLY B 114 16.11 -3.73 0.19
C GLY B 114 15.18 -3.34 1.34
N MET B 115 15.23 -2.09 1.80
CA MET B 115 14.45 -1.68 2.97
C MET B 115 13.69 -0.40 2.68
N SER B 116 12.56 -0.22 3.36
CA SER B 116 11.78 0.99 3.19
C SER B 116 10.92 1.22 4.43
N VAL B 117 10.88 2.45 4.92
CA VAL B 117 9.98 2.78 6.02
C VAL B 117 8.56 3.09 5.49
N ASN B 118 7.54 2.50 6.11
CA ASN B 118 6.17 2.70 5.67
C ASN B 118 5.54 3.91 6.35
N ASN B 119 4.51 4.46 5.73
CA ASN B 119 3.82 5.62 6.31
CA ASN B 119 3.83 5.62 6.32
C ASN B 119 2.63 5.16 7.15
N ASP B 120 2.91 4.47 8.24
CA ASP B 120 1.86 3.96 9.10
C ASP B 120 2.23 4.13 10.56
N ALA B 121 1.37 3.65 11.46
CA ALA B 121 1.61 3.81 12.87
C ALA B 121 1.12 2.56 13.59
N VAL B 122 2.04 1.86 14.23
CA VAL B 122 1.69 0.62 14.93
C VAL B 122 0.92 0.94 16.21
N VAL B 123 -0.18 0.21 16.42
CA VAL B 123 -1.02 0.39 17.62
C VAL B 123 -1.36 -0.94 18.25
N ARG B 124 -1.67 -0.89 19.54
CA ARG B 124 -2.10 -2.07 20.29
C ARG B 124 -3.49 -2.50 19.85
N THR B 125 -3.70 -3.81 19.71
CA THR B 125 -5.03 -4.34 19.46
C THR B 125 -5.58 -5.05 20.69
N THR B 126 -4.80 -5.09 21.77
CA THR B 126 -5.27 -5.61 23.06
C THR B 126 -5.01 -4.61 24.19
N HIS B 127 -5.68 -4.82 25.32
CA HIS B 127 -5.58 -3.88 26.43
C HIS B 127 -4.36 -4.14 27.29
N TYR B 128 -3.59 -3.09 27.53
CA TYR B 128 -2.58 -3.08 28.58
C TYR B 128 -2.68 -1.80 29.36
N LYS B 129 -2.60 -1.90 30.68
CA LYS B 129 -2.63 -0.70 31.53
C LYS B 129 -1.35 0.13 31.34
N TYR B 130 -1.47 1.44 31.56
CA TYR B 130 -0.33 2.35 31.66
C TYR B 130 0.33 2.69 30.31
N LEU B 131 -0.18 2.12 29.23
CA LEU B 131 0.33 2.40 27.88
C LEU B 131 -0.64 3.19 27.00
N HIS B 132 -0.15 4.17 26.25
CA HIS B 132 -0.98 4.78 25.23
CA HIS B 132 -0.87 4.82 25.15
C HIS B 132 -1.13 3.74 24.09
N PRO B 133 -2.17 3.89 23.25
CA PRO B 133 -2.38 2.87 22.19
C PRO B 133 -1.16 2.63 21.29
N LYS B 134 -0.40 3.68 20.99
CA LYS B 134 0.80 3.57 20.14
C LYS B 134 2.07 3.22 20.87
N GLU B 135 1.94 2.85 22.14
CA GLU B 135 3.04 2.29 22.93
C GLU B 135 2.80 0.81 22.99
N VAL B 136 3.46 0.09 22.11
CA VAL B 136 3.08 -1.29 21.84
C VAL B 136 4.00 -2.24 22.55
N LEU B 137 3.44 -3.09 23.38
CA LEU B 137 4.24 -4.07 24.08
C LEU B 137 4.30 -5.34 23.26
N ILE B 138 5.51 -5.74 22.89
CA ILE B 138 5.68 -6.84 21.94
C ILE B 138 6.46 -8.01 22.56
N SER B 139 5.82 -9.17 22.64
CA SER B 139 6.41 -10.34 23.30
C SER B 139 6.78 -11.47 22.35
N ASP B 140 6.31 -11.40 21.11
CA ASP B 140 6.65 -12.46 20.17
C ASP B 140 7.15 -11.86 18.87
N GLY B 141 7.89 -10.76 18.98
CA GLY B 141 8.34 -10.05 17.80
C GLY B 141 9.80 -10.22 17.42
N ILE B 142 10.47 -11.26 17.91
CA ILE B 142 11.86 -11.49 17.51
C ILE B 142 11.92 -12.37 16.25
N LEU B 143 12.41 -11.83 15.14
CA LEU B 143 12.43 -12.59 13.90
C LEU B 143 13.72 -13.37 13.71
N ASN B 144 14.80 -12.90 14.34
CA ASN B 144 16.06 -13.61 14.22
C ASN B 144 16.63 -13.90 15.62
N ARG B 145 16.94 -15.15 15.91
CA ARG B 145 17.28 -15.52 17.27
C ARG B 145 18.65 -14.96 17.69
N ALA B 146 19.43 -14.48 16.72
CA ALA B 146 20.66 -13.78 17.00
C ALA B 146 20.44 -12.50 17.82
N VAL B 147 19.21 -11.97 17.81
CA VAL B 147 18.89 -10.80 18.63
C VAL B 147 18.91 -11.18 20.12
N ILE B 148 18.51 -12.40 20.43
CA ILE B 148 18.48 -12.85 21.82
C ILE B 148 19.89 -13.25 22.31
N THR B 149 20.60 -14.06 21.53
CA THR B 149 21.94 -14.51 21.93
C THR B 149 22.95 -13.36 22.08
N ASP B 161 -13.67 -12.51 30.39
CA ASP B 161 -12.40 -11.79 30.24
C ASP B 161 -12.62 -10.28 30.25
N GLU B 162 -11.58 -9.54 30.58
CA GLU B 162 -11.65 -8.08 30.54
C GLU B 162 -11.80 -7.61 29.09
N PHE B 163 -12.34 -6.40 28.94
CA PHE B 163 -12.46 -5.75 27.65
C PHE B 163 -11.12 -5.73 26.91
N ARG B 164 -11.12 -6.33 25.72
CA ARG B 164 -9.95 -6.35 24.84
C ARG B 164 -8.77 -7.06 25.50
N VAL B 165 -9.09 -8.05 26.34
CA VAL B 165 -8.11 -8.92 26.98
C VAL B 165 -8.59 -10.37 26.88
N PHE B 172 12.14 -22.33 18.03
CA PHE B 172 12.12 -20.86 18.10
C PHE B 172 10.82 -20.31 17.54
N ASP B 173 10.08 -19.60 18.38
CA ASP B 173 8.77 -19.10 18.00
C ASP B 173 8.69 -17.57 18.04
N GLY B 174 9.84 -16.91 18.16
CA GLY B 174 9.87 -15.46 18.15
C GLY B 174 9.67 -14.82 19.51
N THR B 175 9.53 -15.65 20.54
CA THR B 175 9.46 -15.18 21.92
C THR B 175 10.85 -15.30 22.54
N GLY B 176 10.99 -14.82 23.77
CA GLY B 176 12.27 -14.92 24.46
C GLY B 176 12.81 -13.55 24.82
N LEU B 177 12.12 -12.52 24.37
CA LEU B 177 12.53 -11.17 24.64
C LEU B 177 11.30 -10.29 24.49
N GLU B 178 11.09 -9.38 25.43
CA GLU B 178 9.91 -8.54 25.43
C GLU B 178 10.34 -7.09 25.32
N TYR B 179 9.70 -6.31 24.46
CA TYR B 179 10.11 -4.92 24.33
C TYR B 179 8.96 -4.00 24.02
N VAL B 180 9.18 -2.70 24.19
CA VAL B 180 8.14 -1.74 23.93
C VAL B 180 8.52 -0.94 22.72
N PHE B 181 7.57 -0.82 21.80
CA PHE B 181 7.78 -0.18 20.52
C PHE B 181 6.87 1.03 20.45
N PRO B 182 7.41 2.19 20.81
CA PRO B 182 6.50 3.34 20.92
C PRO B 182 6.46 4.26 19.71
N PHE B 183 5.25 4.66 19.30
CA PHE B 183 5.05 5.64 18.22
C PHE B 183 5.93 5.33 16.99
N GLY B 184 5.94 4.07 16.58
CA GLY B 184 6.74 3.66 15.45
C GLY B 184 5.97 3.28 14.21
N ALA B 185 6.71 3.13 13.12
CA ALA B 185 6.20 2.67 11.82
C ALA B 185 6.69 1.25 11.51
N THR B 186 6.04 0.57 10.58
CA THR B 186 6.59 -0.69 10.06
C THR B 186 7.53 -0.42 8.88
N LEU B 187 8.27 -1.46 8.51
CA LEU B 187 9.22 -1.43 7.41
C LEU B 187 8.80 -2.44 6.37
N SER B 188 9.10 -2.16 5.11
CA SER B 188 9.05 -3.19 4.06
C SER B 188 10.48 -3.69 3.85
N VAL B 189 10.65 -5.00 3.83
CA VAL B 189 11.98 -5.58 3.81
C VAL B 189 12.04 -6.72 2.80
N GLN B 190 13.07 -6.71 1.95
CA GLN B 190 13.35 -7.79 1.02
C GLN B 190 14.86 -8.01 0.95
N LYS B 191 15.27 -9.19 0.47
CA LYS B 191 16.67 -9.41 0.08
C LYS B 191 17.13 -8.25 -0.77
N PRO B 192 18.37 -7.76 -0.56
CA PRO B 192 19.43 -8.36 0.28
C PRO B 192 19.33 -8.07 1.79
N ALA B 193 18.31 -7.34 2.23
CA ALA B 193 18.16 -7.06 3.65
C ALA B 193 17.43 -8.20 4.38
N VAL B 194 17.44 -8.15 5.71
CA VAL B 194 16.89 -9.21 6.53
C VAL B 194 16.12 -8.55 7.65
N PRO B 195 14.87 -8.95 7.85
CA PRO B 195 14.12 -8.38 8.97
C PRO B 195 14.52 -9.06 10.29
N VAL B 196 14.62 -8.31 11.39
CA VAL B 196 15.05 -8.93 12.64
C VAL B 196 14.08 -8.75 13.80
N LEU B 197 13.21 -7.75 13.70
CA LEU B 197 12.15 -7.48 14.68
C LEU B 197 10.82 -7.33 13.97
N SER B 198 9.73 -7.78 14.59
CA SER B 198 8.39 -7.55 14.04
C SER B 198 7.43 -6.96 15.07
N SER B 199 6.29 -6.49 14.59
CA SER B 199 5.27 -5.89 15.42
C SER B 199 4.52 -6.90 16.29
N GLY B 200 4.71 -8.18 16.02
CA GLY B 200 4.06 -9.22 16.80
C GLY B 200 2.57 -9.41 16.55
N LYS B 201 1.95 -10.27 17.35
CA LYS B 201 0.61 -10.72 16.99
C LYS B 201 -0.51 -9.87 17.59
N ILE B 202 -0.18 -8.96 18.52
CA ILE B 202 -1.23 -8.16 19.13
C ILE B 202 -1.07 -6.68 18.85
N ALA B 203 -0.61 -6.39 17.64
CA ALA B 203 -0.54 -5.03 17.13
C ALA B 203 -1.19 -4.95 15.76
N TYR B 204 -1.55 -3.74 15.38
CA TYR B 204 -1.94 -3.44 14.03
C TYR B 204 -0.85 -2.58 13.42
N PRO B 205 -0.31 -2.98 12.26
CA PRO B 205 -0.59 -4.24 11.56
C PRO B 205 0.21 -5.38 12.17
N MET B 206 -0.36 -6.57 12.29
CA MET B 206 0.35 -7.65 12.97
C MET B 206 1.46 -8.31 12.13
N ASN B 207 2.48 -8.80 12.84
CA ASN B 207 3.59 -9.54 12.25
C ASN B 207 4.21 -8.86 11.05
N ARG B 208 4.43 -7.55 11.14
CA ARG B 208 5.16 -6.84 10.10
C ARG B 208 6.52 -6.46 10.65
N PRO B 209 7.54 -6.38 9.77
CA PRO B 209 8.87 -5.95 10.23
C PRO B 209 8.89 -4.57 10.85
N VAL B 210 9.65 -4.40 11.95
CA VAL B 210 9.82 -3.19 12.72
CA VAL B 210 9.83 -3.06 12.50
C VAL B 210 11.31 -2.77 12.68
N GLY B 211 12.13 -3.76 12.41
CA GLY B 211 13.58 -3.63 12.43
C GLY B 211 14.20 -4.52 11.40
N ALA B 212 15.23 -4.01 10.74
CA ALA B 212 15.85 -4.74 9.63
C ALA B 212 17.32 -4.38 9.55
N VAL B 213 18.11 -5.25 8.92
CA VAL B 213 19.54 -4.99 8.72
C VAL B 213 20.01 -5.42 7.35
N TRP B 214 21.11 -4.80 6.93
CA TRP B 214 21.84 -5.15 5.72
C TRP B 214 23.31 -5.30 6.10
N ALA B 215 23.97 -6.33 5.59
CA ALA B 215 25.41 -6.47 5.77
C ALA B 215 26.03 -7.20 4.59
N GLN B 216 27.29 -6.90 4.31
CA GLN B 216 28.05 -7.69 3.34
C GLN B 216 29.46 -7.85 3.85
N PRO B 217 29.98 -9.09 3.88
CA PRO B 217 31.34 -9.39 4.36
C PRO B 217 32.35 -8.49 3.68
N GLY B 218 33.21 -7.83 4.45
CA GLY B 218 34.22 -6.97 3.88
C GLY B 218 33.78 -5.52 3.75
N TYR B 219 32.51 -5.25 4.07
CA TYR B 219 31.96 -3.90 3.93
C TYR B 219 31.15 -3.50 5.15
N GLY B 220 30.57 -2.32 5.09
CA GLY B 220 29.79 -1.83 6.22
C GLY B 220 28.44 -2.52 6.41
N ARG B 221 27.66 -1.97 7.33
CA ARG B 221 26.37 -2.52 7.73
C ARG B 221 25.35 -1.41 7.93
N ILE B 222 24.07 -1.75 7.78
CA ILE B 222 22.99 -0.78 7.95
C ILE B 222 21.95 -1.44 8.84
N ALA B 223 21.42 -0.69 9.79
CA ALA B 223 20.29 -1.16 10.58
C ALA B 223 19.21 -0.08 10.53
N VAL B 224 17.97 -0.51 10.41
CA VAL B 224 16.85 0.40 10.41
C VAL B 224 15.82 -0.04 11.46
N LEU B 225 15.33 0.94 12.21
CA LEU B 225 14.28 0.75 13.20
C LEU B 225 13.14 1.73 12.93
N GLY B 226 11.92 1.22 13.04
CA GLY B 226 10.75 2.05 12.79
C GLY B 226 10.35 2.94 13.97
N SER B 227 11.14 2.99 15.04
CA SER B 227 10.83 3.85 16.18
C SER B 227 12.09 4.49 16.78
N CYS B 228 12.06 5.81 16.93
CA CYS B 228 13.10 6.55 17.63
C CYS B 228 12.94 6.40 19.13
N ALA B 229 11.68 6.50 19.53
CA ALA B 229 11.28 6.54 20.93
C ALA B 229 11.70 5.31 21.70
N MET B 230 11.86 4.17 21.02
CA MET B 230 12.16 2.94 21.76
C MET B 230 13.51 3.00 22.49
N PHE B 231 14.39 3.89 22.04
CA PHE B 231 15.68 4.06 22.70
C PHE B 231 15.80 5.38 23.45
N ASP B 232 14.71 6.11 23.61
CA ASP B 232 14.83 7.42 24.23
C ASP B 232 14.90 7.28 25.75
N ASP B 233 15.02 8.42 26.42
CA ASP B 233 15.28 8.43 27.87
C ASP B 233 14.14 7.78 28.63
N LYS B 234 12.92 7.96 28.13
CA LYS B 234 11.76 7.30 28.72
C LYS B 234 11.80 5.77 28.55
N TRP B 235 12.08 5.27 27.34
CA TRP B 235 11.83 3.85 27.05
C TRP B 235 13.03 2.92 27.15
N LEU B 236 14.24 3.46 27.04
CA LEU B 236 15.43 2.61 26.99
C LEU B 236 15.53 1.64 28.15
N ASP B 237 15.10 2.08 29.34
CA ASP B 237 15.19 1.25 30.53
C ASP B 237 13.96 0.34 30.73
N LYS B 238 12.91 0.50 29.92
CA LYS B 238 11.70 -0.31 30.08
C LYS B 238 11.88 -1.68 29.45
N GLU B 239 11.15 -2.68 29.96
CA GLU B 239 11.23 -4.06 29.49
C GLU B 239 12.65 -4.46 29.12
N GLU B 240 12.83 -5.06 27.94
CA GLU B 240 14.17 -5.43 27.50
C GLU B 240 14.64 -4.61 26.31
N ASN B 241 14.19 -3.36 26.27
CA ASN B 241 14.61 -2.44 25.22
C ASN B 241 16.12 -2.20 25.13
N SER B 242 16.80 -2.17 26.28
CA SER B 242 18.24 -1.96 26.26
CA SER B 242 18.25 -1.99 26.31
C SER B 242 18.97 -3.19 25.75
N LYS B 243 18.37 -4.36 25.91
CA LYS B 243 18.98 -5.57 25.38
C LYS B 243 18.90 -5.56 23.84
N ILE B 244 17.83 -4.99 23.32
CA ILE B 244 17.71 -4.79 21.87
C ILE B 244 18.72 -3.74 21.40
N MET B 245 18.82 -2.65 22.15
CA MET B 245 19.81 -1.64 21.84
C MET B 245 21.22 -2.24 21.81
N ASP B 246 21.52 -3.07 22.80
CA ASP B 246 22.82 -3.74 22.87
C ASP B 246 23.05 -4.56 21.58
N PHE B 247 22.02 -5.26 21.10
CA PHE B 247 22.18 -6.08 19.89
C PHE B 247 22.60 -5.23 18.71
N PHE B 248 21.92 -4.12 18.51
CA PHE B 248 22.15 -3.36 17.29
C PHE B 248 23.56 -2.75 17.28
N PHE B 249 24.05 -2.25 18.41
CA PHE B 249 25.39 -1.67 18.38
C PHE B 249 26.46 -2.75 18.31
N LYS B 250 26.24 -3.91 18.92
CA LYS B 250 27.15 -5.03 18.68
C LYS B 250 27.13 -5.53 17.22
N PHE B 251 25.99 -5.42 16.55
CA PHE B 251 25.90 -5.77 15.15
C PHE B 251 26.64 -4.76 14.30
N LEU B 252 26.55 -3.50 14.69
CA LEU B 252 27.06 -2.42 13.85
C LEU B 252 28.55 -2.05 14.09
N GLU B 253 29.12 -2.51 15.19
CA GLU B 253 30.49 -2.15 15.55
C GLU B 253 31.50 -2.79 14.60
N PRO B 254 32.68 -2.14 14.42
CA PRO B 254 33.76 -2.67 13.58
C PRO B 254 34.14 -4.10 13.98
N HIS B 255 34.36 -4.96 12.99
CA HIS B 255 34.71 -6.37 13.23
C HIS B 255 33.76 -7.02 14.21
N SER B 256 32.47 -6.80 13.97
CA SER B 256 31.40 -7.38 14.77
C SER B 256 31.48 -8.91 14.83
N LYS B 257 31.23 -9.46 16.01
CA LYS B 257 31.16 -10.91 16.18
C LYS B 257 29.76 -11.43 15.82
N ILE B 258 28.82 -10.52 15.59
CA ILE B 258 27.43 -10.95 15.37
C ILE B 258 27.23 -11.57 14.00
N GLN B 259 26.76 -12.81 14.02
CA GLN B 259 26.29 -13.46 12.80
C GLN B 259 24.78 -13.73 12.93
N LEU B 260 24.01 -13.37 11.92
CA LEU B 260 22.57 -13.64 11.94
C LEU B 260 22.31 -15.14 11.82
N ASN B 261 21.31 -15.64 12.52
CA ASN B 261 20.89 -17.02 12.33
C ASN B 261 20.38 -17.20 10.90
N ASP B 262 20.93 -18.17 10.18
CA ASP B 262 20.65 -18.28 8.76
C ASP B 262 19.25 -18.81 8.46
N ILE B 263 18.74 -19.72 9.29
CA ILE B 263 17.39 -20.24 9.09
C ILE B 263 16.35 -19.12 9.25
N ASP B 264 16.50 -18.32 10.30
CA ASP B 264 15.59 -17.21 10.57
C ASP B 264 15.73 -16.13 9.48
N ALA B 265 16.95 -15.96 8.97
CA ALA B 265 17.22 -14.95 7.95
C ALA B 265 16.64 -15.32 6.59
N GLU B 266 16.67 -16.61 6.26
CA GLU B 266 16.21 -17.09 4.96
C GLU B 266 14.72 -17.20 4.91
N GLU B 267 14.15 -17.60 6.03
CA GLU B 267 12.71 -17.77 6.14
C GLU B 267 12.22 -17.08 7.41
N PRO B 268 12.25 -15.73 7.44
CA PRO B 268 11.80 -15.04 8.65
C PRO B 268 10.29 -15.17 8.83
N ASP B 269 9.83 -15.39 10.07
CA ASP B 269 8.41 -15.62 10.33
C ASP B 269 7.66 -14.30 10.39
N VAL B 270 7.56 -13.62 9.25
CA VAL B 270 6.97 -12.28 9.25
C VAL B 270 6.19 -11.98 7.96
N GLU C 12 -37.20 0.67 22.66
CA GLU C 12 -36.45 -0.47 23.17
C GLU C 12 -34.99 -0.40 22.70
N VAL C 13 -34.76 -0.36 21.39
CA VAL C 13 -33.41 -0.22 20.83
C VAL C 13 -33.26 1.14 20.14
N ARG C 14 -32.49 2.05 20.72
CA ARG C 14 -32.37 3.39 20.15
C ARG C 14 -31.11 3.54 19.30
N ILE C 15 -31.26 4.13 18.12
CA ILE C 15 -30.15 4.25 17.20
C ILE C 15 -29.87 5.73 16.89
N LEU C 16 -28.65 6.18 17.17
CA LEU C 16 -28.29 7.57 16.92
C LEU C 16 -27.46 7.73 15.64
N PHE C 17 -27.97 8.55 14.73
CA PHE C 17 -27.25 8.89 13.52
C PHE C 17 -26.55 10.21 13.73
N SER C 18 -25.21 10.17 13.70
CA SER C 18 -24.42 11.34 14.04
C SER C 18 -24.37 12.36 12.90
N THR C 19 -24.37 13.63 13.28
CA THR C 19 -24.16 14.73 12.34
C THR C 19 -23.03 15.55 12.91
N ALA C 20 -22.45 15.03 14.00
CA ALA C 20 -21.44 15.73 14.79
C ALA C 20 -20.14 15.92 14.03
N LYS C 21 -19.93 15.12 12.98
CA LYS C 21 -18.67 15.20 12.25
C LYS C 21 -18.91 15.47 10.78
N GLY C 22 -19.99 16.18 10.47
CA GLY C 22 -20.29 16.55 9.10
C GLY C 22 -20.65 15.36 8.21
N GLU C 23 -21.24 14.35 8.82
CA GLU C 23 -21.57 13.10 8.13
C GLU C 23 -22.36 13.34 6.84
N SER C 24 -21.87 12.77 5.75
CA SER C 24 -22.51 12.97 4.45
C SER C 24 -23.86 12.26 4.38
N HIS C 25 -24.03 11.20 5.15
CA HIS C 25 -25.30 10.47 5.17
C HIS C 25 -25.93 10.48 6.56
N THR C 26 -27.07 11.14 6.67
CA THR C 26 -27.78 11.28 7.94
C THR C 26 -29.29 11.18 7.68
N HIS C 27 -30.09 11.40 8.72
CA HIS C 27 -31.53 11.43 8.55
C HIS C 27 -31.89 12.54 7.55
N LYS C 28 -31.19 13.66 7.64
CA LYS C 28 -31.43 14.80 6.77
C LYS C 28 -31.23 14.49 5.28
N ALA C 29 -30.07 13.97 4.91
CA ALA C 29 -29.77 13.71 3.50
C ALA C 29 -29.06 12.37 3.26
N GLY C 30 -29.74 11.46 2.56
CA GLY C 30 -29.13 10.21 2.16
C GLY C 30 -29.72 8.95 2.78
N PHE C 31 -30.02 9.01 4.07
CA PHE C 31 -30.47 7.83 4.80
C PHE C 31 -31.95 7.89 5.14
N LYS C 32 -32.71 8.60 4.32
CA LYS C 32 -34.14 8.76 4.55
C LYS C 32 -34.84 7.39 4.56
N GLN C 33 -34.68 6.63 3.47
CA GLN C 33 -35.29 5.31 3.37
C GLN C 33 -34.79 4.35 4.45
N LEU C 34 -33.51 4.47 4.81
CA LEU C 34 -32.90 3.65 5.86
C LEU C 34 -33.55 3.93 7.21
N PHE C 35 -33.57 5.22 7.57
CA PHE C 35 -34.18 5.70 8.81
C PHE C 35 -35.61 5.16 8.94
N ARG C 36 -36.33 5.20 7.81
CA ARG C 36 -37.71 4.75 7.73
C ARG C 36 -37.84 3.25 7.96
N ARG C 37 -36.97 2.46 7.34
CA ARG C 37 -37.10 1.01 7.39
C ARG C 37 -36.71 0.47 8.78
N LEU C 38 -35.97 1.27 9.54
CA LEU C 38 -35.54 0.88 10.88
C LEU C 38 -36.63 1.12 11.93
N ARG C 39 -37.52 2.07 11.65
CA ARG C 39 -38.64 2.38 12.55
C ARG C 39 -39.55 1.18 12.75
N SER C 40 -39.57 0.29 11.77
CA SER C 40 -40.38 -0.94 11.82
C SER C 40 -40.02 -1.81 13.02
N THR C 41 -38.76 -1.74 13.45
CA THR C 41 -38.29 -2.58 14.54
C THR C 41 -37.44 -1.83 15.58
N TYR C 42 -37.01 -0.62 15.25
CA TYR C 42 -36.13 0.14 16.13
C TYR C 42 -36.58 1.59 16.26
N ARG C 43 -35.90 2.34 17.12
CA ARG C 43 -36.18 3.76 17.28
C ARG C 43 -34.96 4.60 16.97
N PRO C 44 -34.80 4.96 15.69
CA PRO C 44 -33.65 5.79 15.30
C PRO C 44 -33.86 7.26 15.60
N ASP C 45 -32.78 7.95 15.95
CA ASP C 45 -32.76 9.36 16.32
C ASP C 45 -31.46 9.97 15.84
N LYS C 46 -31.32 11.28 16.00
CA LYS C 46 -30.07 11.93 15.64
C LYS C 46 -29.27 12.33 16.86
N VAL C 47 -27.96 12.55 16.65
CA VAL C 47 -27.09 13.14 17.66
C VAL C 47 -26.21 14.17 16.93
N ASP C 48 -26.27 15.44 17.35
CA ASP C 48 -25.57 16.51 16.64
C ASP C 48 -24.28 16.89 17.37
N LYS C 49 -23.57 17.90 16.87
CA LYS C 49 -22.24 18.20 17.38
C LYS C 49 -22.25 18.51 18.88
N ASP C 50 -23.23 19.28 19.32
CA ASP C 50 -23.30 19.71 20.72
C ASP C 50 -23.55 18.57 21.71
N ASP C 51 -24.34 17.58 21.32
CA ASP C 51 -24.67 16.51 22.25
C ASP C 51 -23.83 15.25 22.00
N PHE C 52 -22.78 15.38 21.19
CA PHE C 52 -21.89 14.26 20.90
C PHE C 52 -20.93 13.99 22.07
N THR C 53 -21.50 13.51 23.17
CA THR C 53 -20.77 13.25 24.40
C THR C 53 -21.13 11.85 24.90
N LEU C 54 -20.34 11.33 25.81
CA LEU C 54 -20.56 9.98 26.33
C LEU C 54 -21.89 9.80 27.05
N ASP C 55 -22.34 10.83 27.75
CA ASP C 55 -23.60 10.77 28.49
C ASP C 55 -24.82 10.63 27.58
N THR C 56 -24.83 11.38 26.48
CA THR C 56 -25.86 11.25 25.47
C THR C 56 -25.83 9.84 24.90
N LEU C 57 -24.61 9.37 24.59
CA LEU C 57 -24.40 8.06 23.97
C LEU C 57 -24.86 6.93 24.88
N ARG C 58 -24.56 7.06 26.17
CA ARG C 58 -24.92 6.05 27.17
C ARG C 58 -26.42 5.71 27.12
N SER C 59 -27.22 6.67 26.67
CA SER C 59 -28.66 6.47 26.56
C SER C 59 -29.09 5.68 25.32
N ALA C 60 -28.17 5.49 24.36
CA ALA C 60 -28.51 4.75 23.14
C ALA C 60 -27.78 3.40 23.08
N HIS C 61 -28.20 2.55 22.14
CA HIS C 61 -27.60 1.22 21.99
C HIS C 61 -26.70 1.10 20.76
N ILE C 62 -27.05 1.85 19.70
CA ILE C 62 -26.28 1.78 18.47
C ILE C 62 -25.98 3.18 17.97
N LEU C 63 -24.70 3.47 17.80
CA LEU C 63 -24.29 4.73 17.19
C LEU C 63 -23.93 4.46 15.74
N VAL C 64 -24.37 5.33 14.85
CA VAL C 64 -24.03 5.18 13.45
C VAL C 64 -23.24 6.39 12.97
N LEU C 65 -22.06 6.15 12.39
CA LEU C 65 -21.29 7.24 11.81
C LEU C 65 -21.33 7.12 10.28
N GLY C 66 -22.29 7.82 9.69
CA GLY C 66 -22.55 7.71 8.26
C GLY C 66 -21.70 8.64 7.43
N GLY C 67 -20.43 8.26 7.26
CA GLY C 67 -19.51 9.03 6.45
C GLY C 67 -18.96 10.28 7.12
N PRO C 68 -18.25 10.13 8.24
CA PRO C 68 -17.68 11.31 8.88
C PRO C 68 -16.66 12.04 7.99
N LYS C 69 -16.68 13.38 8.03
CA LYS C 69 -15.88 14.18 7.11
C LYS C 69 -14.93 15.15 7.80
N GLU C 70 -14.77 15.00 9.11
CA GLU C 70 -13.78 15.79 9.85
C GLU C 70 -13.24 15.00 11.04
N LYS C 71 -12.13 15.47 11.60
CA LYS C 71 -11.35 14.67 12.54
C LYS C 71 -11.96 14.53 13.92
N PHE C 72 -11.69 13.39 14.55
CA PHE C 72 -12.07 13.12 15.92
C PHE C 72 -10.91 13.52 16.84
N THR C 73 -11.24 14.06 18.01
CA THR C 73 -10.24 14.36 19.03
C THR C 73 -9.87 13.09 19.76
N ALA C 74 -8.75 13.14 20.49
CA ALA C 74 -8.36 12.00 21.33
C ALA C 74 -9.42 11.63 22.39
N PRO C 75 -10.05 12.62 23.07
CA PRO C 75 -11.13 12.23 23.99
C PRO C 75 -12.37 11.63 23.30
N GLU C 76 -12.69 12.09 22.10
CA GLU C 76 -13.80 11.49 21.37
C GLU C 76 -13.53 10.01 21.09
N VAL C 77 -12.28 9.69 20.77
CA VAL C 77 -11.89 8.31 20.50
C VAL C 77 -11.99 7.50 21.79
N ASP C 78 -11.54 8.11 22.89
CA ASP C 78 -11.72 7.58 24.25
C ASP C 78 -13.16 7.22 24.51
N MET C 79 -14.03 8.16 24.16
CA MET C 79 -15.46 8.04 24.36
C MET C 79 -16.07 6.87 23.59
N LEU C 80 -15.69 6.73 22.32
CA LEU C 80 -16.24 5.67 21.48
C LEU C 80 -15.83 4.34 22.05
N LYS C 81 -14.58 4.25 22.50
CA LYS C 81 -14.10 3.00 23.11
C LYS C 81 -14.86 2.69 24.39
N LYS C 82 -15.07 3.70 25.23
CA LYS C 82 -15.85 3.50 26.45
C LYS C 82 -17.28 3.10 26.14
N PHE C 83 -17.88 3.78 25.16
CA PHE C 83 -19.23 3.44 24.73
C PHE C 83 -19.36 1.96 24.40
N VAL C 84 -18.39 1.44 23.65
CA VAL C 84 -18.38 0.03 23.26
C VAL C 84 -18.16 -0.88 24.47
N LYS C 85 -17.21 -0.50 25.32
CA LYS C 85 -16.89 -1.25 26.54
C LYS C 85 -18.13 -1.43 27.43
N ASN C 86 -18.94 -0.39 27.52
CA ASN C 86 -20.16 -0.45 28.32
C ASN C 86 -21.36 -0.99 27.53
N GLY C 87 -21.09 -1.59 26.38
CA GLY C 87 -22.09 -2.40 25.69
C GLY C 87 -22.74 -1.80 24.46
N GLY C 88 -22.40 -0.56 24.13
CA GLY C 88 -22.93 0.07 22.94
C GLY C 88 -22.28 -0.47 21.69
N SER C 89 -23.01 -0.40 20.58
CA SER C 89 -22.51 -0.87 19.30
C SER C 89 -22.27 0.30 18.37
N ILE C 90 -21.30 0.18 17.48
CA ILE C 90 -21.00 1.24 16.54
C ILE C 90 -21.01 0.69 15.13
N LEU C 91 -21.71 1.38 14.22
CA LEU C 91 -21.64 1.10 12.81
C LEU C 91 -20.96 2.27 12.15
N ILE C 92 -19.84 2.01 11.50
CA ILE C 92 -19.14 3.06 10.76
C ILE C 92 -19.21 2.77 9.27
N LEU C 93 -19.60 3.77 8.50
CA LEU C 93 -19.67 3.64 7.05
C LEU C 93 -18.77 4.67 6.41
N MET C 94 -17.94 4.24 5.48
CA MET C 94 -17.03 5.16 4.82
C MET C 94 -17.35 5.13 3.35
N SER C 95 -16.48 5.69 2.51
CA SER C 95 -16.72 5.70 1.08
C SER C 95 -15.39 5.76 0.33
N GLU C 96 -15.46 5.74 -1.00
CA GLU C 96 -14.28 5.78 -1.85
C GLU C 96 -13.35 6.92 -1.49
N GLY C 97 -12.05 6.63 -1.48
CA GLY C 97 -11.05 7.60 -1.07
C GLY C 97 -10.72 7.49 0.41
N GLY C 98 -11.55 6.77 1.15
CA GLY C 98 -11.30 6.50 2.56
C GLY C 98 -11.15 7.74 3.44
N GLU C 99 -10.40 7.64 4.53
CA GLU C 99 -10.35 8.75 5.47
C GLU C 99 -9.48 9.90 4.95
N GLU C 100 -8.60 9.61 3.99
CA GLU C 100 -7.80 10.67 3.38
CA GLU C 100 -7.79 10.65 3.36
C GLU C 100 -8.66 11.67 2.62
N LYS C 101 -9.48 11.17 1.71
CA LYS C 101 -10.39 12.02 0.96
C LYS C 101 -11.45 12.62 1.87
N ALA C 102 -11.92 11.83 2.84
CA ALA C 102 -12.99 12.28 3.73
C ALA C 102 -12.52 13.39 4.66
N GLY C 103 -11.25 13.35 5.05
CA GLY C 103 -10.73 14.33 5.97
C GLY C 103 -10.98 14.00 7.43
N THR C 104 -11.07 12.71 7.75
CA THR C 104 -11.23 12.27 9.14
C THR C 104 -10.04 11.41 9.60
N ASN C 105 -10.08 10.90 10.83
CA ASN C 105 -8.97 10.10 11.35
C ASN C 105 -9.48 8.90 12.13
N ILE C 106 -10.62 8.38 11.69
CA ILE C 106 -11.32 7.29 12.38
C ILE C 106 -10.50 5.99 12.38
N ASN C 107 -9.50 5.88 11.51
CA ASN C 107 -8.69 4.67 11.50
C ASN C 107 -7.88 4.49 12.80
N TYR C 108 -7.62 5.58 13.50
CA TYR C 108 -6.96 5.48 14.80
C TYR C 108 -7.83 4.72 15.81
N PHE C 109 -9.14 4.92 15.73
CA PHE C 109 -10.06 4.08 16.52
C PHE C 109 -10.14 2.65 15.96
N LEU C 110 -10.42 2.51 14.67
CA LEU C 110 -10.61 1.19 14.06
C LEU C 110 -9.41 0.25 14.17
N GLU C 111 -8.20 0.78 13.99
CA GLU C 111 -7.02 -0.08 13.99
C GLU C 111 -6.78 -0.71 15.36
N GLN C 112 -7.27 -0.06 16.41
CA GLN C 112 -7.19 -0.65 17.74
C GLN C 112 -8.05 -1.91 17.87
N PHE C 113 -8.97 -2.10 16.92
CA PHE C 113 -9.78 -3.32 16.89
C PHE C 113 -9.50 -4.19 15.63
N GLY C 114 -8.37 -3.95 14.97
CA GLY C 114 -7.98 -4.79 13.85
C GLY C 114 -8.54 -4.41 12.48
N MET C 115 -9.05 -3.19 12.33
CA MET C 115 -9.71 -2.79 11.09
C MET C 115 -9.19 -1.45 10.63
N SER C 116 -9.23 -1.22 9.33
CA SER C 116 -8.79 0.04 8.77
C SER C 116 -9.44 0.29 7.40
N VAL C 117 -9.93 1.50 7.16
CA VAL C 117 -10.44 1.84 5.84
C VAL C 117 -9.30 2.24 4.91
N ASN C 118 -9.30 1.69 3.70
CA ASN C 118 -8.26 2.03 2.74
C ASN C 118 -8.64 3.25 1.92
N ASN C 119 -7.65 3.91 1.37
CA ASN C 119 -7.86 5.09 0.54
C ASN C 119 -7.97 4.72 -0.92
N ASP C 120 -8.97 3.92 -1.27
CA ASP C 120 -9.12 3.46 -2.64
C ASP C 120 -10.59 3.48 -3.06
N ALA C 121 -10.86 2.98 -4.26
CA ALA C 121 -12.21 2.99 -4.81
C ALA C 121 -12.49 1.73 -5.62
N VAL C 122 -13.45 0.93 -5.17
CA VAL C 122 -13.77 -0.30 -5.84
C VAL C 122 -14.48 0.00 -7.19
N VAL C 123 -14.06 -0.65 -8.27
CA VAL C 123 -14.67 -0.47 -9.60
C VAL C 123 -14.95 -1.81 -10.25
N ARG C 124 -15.90 -1.81 -11.18
CA ARG C 124 -16.25 -3.00 -11.95
C ARG C 124 -15.13 -3.33 -12.98
N THR C 125 -14.80 -4.62 -13.14
CA THR C 125 -13.91 -5.06 -14.21
C THR C 125 -14.67 -5.82 -15.30
N THR C 126 -15.99 -5.96 -15.12
CA THR C 126 -16.81 -6.54 -16.19
C THR C 126 -17.99 -5.63 -16.52
N HIS C 127 -18.61 -5.90 -17.66
CA HIS C 127 -19.70 -5.07 -18.15
C HIS C 127 -21.03 -5.45 -17.51
N TYR C 128 -21.73 -4.44 -17.02
CA TYR C 128 -23.13 -4.53 -16.60
C TYR C 128 -23.87 -3.35 -17.17
N LYS C 129 -25.12 -3.57 -17.57
CA LYS C 129 -25.86 -2.58 -18.33
C LYS C 129 -25.99 -1.18 -17.69
N TYR C 130 -26.79 -1.02 -16.66
CA TYR C 130 -27.09 0.34 -16.22
C TYR C 130 -26.09 0.96 -15.24
N LEU C 131 -25.12 0.19 -14.79
CA LEU C 131 -24.26 0.63 -13.69
C LEU C 131 -23.10 1.48 -14.15
N HIS C 132 -22.80 2.52 -13.39
CA HIS C 132 -21.52 3.23 -13.51
C HIS C 132 -20.37 2.33 -13.00
N PRO C 133 -19.14 2.60 -13.45
CA PRO C 133 -18.04 1.71 -13.04
C PRO C 133 -17.89 1.55 -11.51
N LYS C 134 -18.11 2.61 -10.72
CA LYS C 134 -17.98 2.51 -9.25
C LYS C 134 -19.26 2.05 -8.57
N GLU C 135 -20.22 1.59 -9.36
CA GLU C 135 -21.41 0.95 -8.81
C GLU C 135 -21.26 -0.54 -9.08
N VAL C 136 -20.77 -1.25 -8.07
CA VAL C 136 -20.28 -2.59 -8.29
C VAL C 136 -21.30 -3.61 -7.83
N LEU C 137 -21.70 -4.50 -8.73
CA LEU C 137 -22.62 -5.57 -8.39
C LEU C 137 -21.84 -6.81 -7.97
N ILE C 138 -22.10 -7.28 -6.76
CA ILE C 138 -21.27 -8.34 -6.18
C ILE C 138 -22.11 -9.56 -5.82
N SER C 139 -21.78 -10.70 -6.44
CA SER C 139 -22.54 -11.93 -6.31
C SER C 139 -21.83 -13.03 -5.55
N ASP C 140 -20.53 -12.86 -5.29
CA ASP C 140 -19.80 -13.86 -4.54
C ASP C 140 -18.94 -13.23 -3.47
N GLY C 141 -19.45 -12.19 -2.81
CA GLY C 141 -18.71 -11.45 -1.82
C GLY C 141 -19.13 -11.73 -0.39
N ILE C 142 -19.81 -12.84 -0.12
CA ILE C 142 -20.17 -13.15 1.26
C ILE C 142 -19.05 -13.97 1.90
N LEU C 143 -18.39 -13.41 2.90
CA LEU C 143 -17.26 -14.08 3.54
C LEU C 143 -17.68 -14.94 4.72
N ASN C 144 -18.77 -14.57 5.38
CA ASN C 144 -19.24 -15.34 6.52
C ASN C 144 -20.70 -15.71 6.29
N ARG C 145 -20.98 -17.01 6.34
CA ARG C 145 -22.28 -17.49 5.89
C ARG C 145 -23.39 -17.08 6.87
N ALA C 146 -22.99 -16.60 8.04
CA ALA C 146 -23.93 -16.04 9.00
C ALA C 146 -24.61 -14.78 8.47
N VAL C 147 -24.02 -14.15 7.46
CA VAL C 147 -24.66 -13.00 6.84
C VAL C 147 -25.89 -13.48 6.10
N ILE C 148 -25.82 -14.69 5.56
CA ILE C 148 -26.95 -15.23 4.82
C ILE C 148 -28.04 -15.74 5.75
N THR C 149 -27.67 -16.57 6.72
CA THR C 149 -28.65 -17.11 7.66
C THR C 149 -29.32 -16.02 8.48
N ASP C 161 -18.69 -13.51 -27.26
CA ASP C 161 -19.06 -12.84 -26.01
C ASP C 161 -19.18 -11.34 -26.18
N GLU C 162 -19.96 -10.70 -25.32
CA GLU C 162 -20.02 -9.25 -25.32
C GLU C 162 -18.67 -8.72 -24.81
N PHE C 163 -18.37 -7.47 -25.15
CA PHE C 163 -17.23 -6.75 -24.63
C PHE C 163 -17.23 -6.80 -23.10
N ARG C 164 -16.14 -7.30 -22.53
CA ARG C 164 -15.98 -7.31 -21.06
C ARG C 164 -17.06 -8.11 -20.35
N VAL C 165 -17.52 -9.16 -21.02
CA VAL C 165 -18.48 -10.10 -20.46
C VAL C 165 -18.03 -11.52 -20.77
N PHE C 172 -19.87 -24.04 0.92
CA PHE C 172 -20.04 -22.59 0.93
C PHE C 172 -18.95 -21.90 0.11
N ASP C 173 -19.38 -21.16 -0.92
CA ASP C 173 -18.45 -20.55 -1.87
C ASP C 173 -18.53 -19.03 -1.92
N GLY C 174 -19.25 -18.43 -0.98
CA GLY C 174 -19.37 -16.98 -0.93
C GLY C 174 -20.51 -16.42 -1.74
N THR C 175 -21.28 -17.31 -2.38
CA THR C 175 -22.49 -16.93 -3.09
C THR C 175 -23.68 -17.16 -2.16
N GLY C 176 -24.86 -16.74 -2.61
CA GLY C 176 -26.08 -16.92 -1.85
C GLY C 176 -26.77 -15.61 -1.55
N LEU C 177 -26.11 -14.51 -1.89
CA LEU C 177 -26.65 -13.20 -1.65
C LEU C 177 -26.00 -12.23 -2.63
N GLU C 178 -26.79 -11.34 -3.21
CA GLU C 178 -26.27 -10.43 -4.20
C GLU C 178 -26.48 -8.99 -3.77
N TYR C 179 -25.45 -8.14 -3.90
CA TYR C 179 -25.62 -6.76 -3.49
C TYR C 179 -24.85 -5.80 -4.35
N VAL C 180 -25.19 -4.52 -4.23
CA VAL C 180 -24.54 -3.49 -4.99
C VAL C 180 -23.74 -2.67 -3.99
N PHE C 181 -22.48 -2.42 -4.35
CA PHE C 181 -21.53 -1.72 -3.48
C PHE C 181 -21.09 -0.47 -4.23
N PRO C 182 -21.77 0.67 -3.99
CA PRO C 182 -21.47 1.86 -4.80
C PRO C 182 -20.53 2.85 -4.15
N PHE C 183 -19.55 3.34 -4.92
CA PHE C 183 -18.63 4.38 -4.47
C PHE C 183 -18.04 4.03 -3.09
N GLY C 184 -17.57 2.80 -2.97
CA GLY C 184 -16.98 2.35 -1.72
C GLY C 184 -15.48 2.15 -1.77
N ALA C 185 -14.90 2.00 -0.58
CA ALA C 185 -13.48 1.69 -0.36
C ALA C 185 -13.37 0.27 0.16
N THR C 186 -12.18 -0.33 0.08
CA THR C 186 -11.95 -1.61 0.78
C THR C 186 -11.45 -1.38 2.21
N LEU C 187 -11.41 -2.45 3.00
CA LEU C 187 -10.91 -2.41 4.36
C LEU C 187 -9.70 -3.33 4.50
N SER C 188 -8.80 -2.96 5.40
CA SER C 188 -7.78 -3.91 5.87
C SER C 188 -8.27 -4.50 7.18
N VAL C 189 -8.23 -5.83 7.29
CA VAL C 189 -8.82 -6.52 8.45
C VAL C 189 -7.89 -7.61 8.96
N GLN C 190 -7.70 -7.66 10.28
CA GLN C 190 -6.94 -8.71 10.94
C GLN C 190 -7.61 -9.04 12.25
N LYS C 191 -7.31 -10.22 12.79
CA LYS C 191 -7.66 -10.50 14.17
C LYS C 191 -7.19 -9.33 15.04
N PRO C 192 -8.02 -8.93 16.03
CA PRO C 192 -9.23 -9.63 16.50
C PRO C 192 -10.52 -9.40 15.67
N ALA C 193 -10.46 -8.62 14.61
CA ALA C 193 -11.66 -8.41 13.79
C ALA C 193 -11.83 -9.53 12.78
N VAL C 194 -13.00 -9.57 12.13
CA VAL C 194 -13.35 -10.64 11.20
C VAL C 194 -14.00 -10.01 9.98
N PRO C 195 -13.49 -10.33 8.78
CA PRO C 195 -14.14 -9.73 7.62
C PRO C 195 -15.42 -10.48 7.27
N VAL C 196 -16.47 -9.78 6.82
CA VAL C 196 -17.73 -10.51 6.52
C VAL C 196 -18.25 -10.32 5.09
N LEU C 197 -17.81 -9.25 4.42
CA LEU C 197 -18.16 -8.98 3.03
C LEU C 197 -16.89 -8.72 2.24
N SER C 198 -16.87 -9.14 0.98
CA SER C 198 -15.73 -8.81 0.14
C SER C 198 -16.17 -8.21 -1.19
N SER C 199 -15.20 -7.67 -1.93
CA SER C 199 -15.44 -7.05 -3.20
C SER C 199 -15.76 -8.07 -4.30
N GLY C 200 -15.55 -9.35 -4.04
CA GLY C 200 -15.84 -10.36 -5.04
C GLY C 200 -14.86 -10.46 -6.20
N LYS C 201 -15.19 -11.29 -7.19
CA LYS C 201 -14.20 -11.66 -8.18
C LYS C 201 -14.20 -10.77 -9.43
N ILE C 202 -15.21 -9.92 -9.59
CA ILE C 202 -15.29 -9.09 -10.79
C ILE C 202 -15.26 -7.60 -10.43
N ALA C 203 -14.43 -7.29 -9.45
CA ALA C 203 -14.17 -5.92 -9.04
C ALA C 203 -12.66 -5.69 -8.95
N TYR C 204 -12.24 -4.43 -9.05
CA TYR C 204 -10.89 -4.06 -8.71
C TYR C 204 -10.95 -3.21 -7.45
N PRO C 205 -10.20 -3.60 -6.39
CA PRO C 205 -9.39 -4.82 -6.32
C PRO C 205 -10.22 -6.04 -5.94
N MET C 206 -9.95 -7.19 -6.52
CA MET C 206 -10.79 -8.36 -6.26
C MET C 206 -10.58 -9.03 -4.90
N ASN C 207 -11.65 -9.61 -4.38
CA ASN C 207 -11.65 -10.39 -3.15
C ASN C 207 -10.97 -9.68 -1.97
N ARG C 208 -11.24 -8.39 -1.81
CA ARG C 208 -10.75 -7.66 -0.64
C ARG C 208 -11.93 -7.39 0.27
N PRO C 209 -11.70 -7.33 1.58
CA PRO C 209 -12.82 -7.04 2.49
C PRO C 209 -13.46 -5.67 2.22
N VAL C 210 -14.80 -5.59 2.29
CA VAL C 210 -15.48 -4.30 2.16
C VAL C 210 -16.37 -4.13 3.39
N GLY C 211 -16.51 -5.20 4.15
CA GLY C 211 -17.23 -5.15 5.41
C GLY C 211 -16.64 -6.05 6.50
N ALA C 212 -16.63 -5.56 7.74
CA ALA C 212 -15.97 -6.28 8.80
C ALA C 212 -16.58 -6.02 10.17
N VAL C 213 -16.37 -6.94 11.11
CA VAL C 213 -16.88 -6.75 12.47
C VAL C 213 -15.89 -7.11 13.58
N TRP C 214 -16.14 -6.53 14.75
CA TRP C 214 -15.45 -6.87 15.97
C TRP C 214 -16.51 -7.14 17.04
N ALA C 215 -16.34 -8.23 17.77
CA ALA C 215 -17.20 -8.48 18.92
C ALA C 215 -16.42 -9.24 19.99
N GLN C 216 -16.79 -9.01 21.24
CA GLN C 216 -16.26 -9.79 22.35
C GLN C 216 -17.40 -10.05 23.33
N PRO C 217 -17.55 -11.32 23.75
CA PRO C 217 -18.62 -11.67 24.68
C PRO C 217 -18.62 -10.76 25.90
N GLY C 218 -19.78 -10.17 26.20
CA GLY C 218 -19.91 -9.30 27.36
C GLY C 218 -19.74 -7.83 27.06
N TYR C 219 -19.41 -7.49 25.82
CA TYR C 219 -19.14 -6.09 25.48
C TYR C 219 -19.87 -5.70 24.21
N GLY C 220 -19.71 -4.46 23.79
CA GLY C 220 -20.37 -3.97 22.59
C GLY C 220 -19.75 -4.58 21.33
N ARG C 221 -20.15 -4.06 20.19
CA ARG C 221 -19.74 -4.60 18.91
C ARG C 221 -19.48 -3.46 17.95
N ILE C 222 -18.67 -3.74 16.95
CA ILE C 222 -18.32 -2.73 15.95
C ILE C 222 -18.50 -3.37 14.59
N ALA C 223 -19.06 -2.62 13.66
CA ALA C 223 -19.16 -3.05 12.27
C ALA C 223 -18.63 -1.95 11.42
N VAL C 224 -17.91 -2.32 10.36
CA VAL C 224 -17.42 -1.30 9.44
C VAL C 224 -17.81 -1.70 8.02
N LEU C 225 -18.29 -0.73 7.25
CA LEU C 225 -18.59 -0.91 5.83
C LEU C 225 -17.90 0.14 5.00
N GLY C 226 -17.35 -0.25 3.87
CA GLY C 226 -16.60 0.69 3.06
C GLY C 226 -17.45 1.57 2.15
N SER C 227 -18.77 1.52 2.28
CA SER C 227 -19.66 2.30 1.41
C SER C 227 -20.85 2.87 2.19
N CYS C 228 -21.05 4.18 2.07
CA CYS C 228 -22.26 4.83 2.60
C CYS C 228 -23.42 4.64 1.65
N ALA C 229 -23.14 4.80 0.37
CA ALA C 229 -24.15 4.81 -0.67
C ALA C 229 -24.95 3.52 -0.71
N MET C 230 -24.38 2.43 -0.19
CA MET C 230 -25.00 1.11 -0.28
C MET C 230 -26.32 1.02 0.47
N PHE C 231 -26.50 1.89 1.46
CA PHE C 231 -27.73 1.96 2.24
C PHE C 231 -28.54 3.23 1.94
N ASP C 232 -28.19 3.95 0.87
CA ASP C 232 -28.88 5.20 0.62
C ASP C 232 -30.22 4.93 -0.07
N ASP C 233 -30.94 6.00 -0.36
CA ASP C 233 -32.31 5.91 -0.84
C ASP C 233 -32.36 5.21 -2.20
N LYS C 234 -31.35 5.47 -3.03
CA LYS C 234 -31.26 4.84 -4.33
C LYS C 234 -31.04 3.33 -4.24
N TRP C 235 -30.08 2.91 -3.40
CA TRP C 235 -29.60 1.54 -3.46
C TRP C 235 -30.15 0.60 -2.41
N LEU C 236 -30.64 1.16 -1.30
CA LEU C 236 -31.08 0.32 -0.18
C LEU C 236 -32.07 -0.73 -0.63
N ASP C 237 -32.87 -0.33 -1.62
CA ASP C 237 -33.93 -1.17 -2.14
C ASP C 237 -33.51 -2.10 -3.28
N LYS C 238 -32.30 -1.91 -3.80
CA LYS C 238 -31.86 -2.74 -4.93
C LYS C 238 -31.27 -4.07 -4.47
N GLU C 239 -31.31 -5.05 -5.37
CA GLU C 239 -30.80 -6.41 -5.11
C GLU C 239 -31.10 -6.84 -3.69
N GLU C 240 -30.10 -7.34 -2.97
CA GLU C 240 -30.35 -7.75 -1.58
C GLU C 240 -29.64 -6.89 -0.55
N ASN C 241 -29.44 -5.61 -0.89
CA ASN C 241 -28.83 -4.64 0.02
C ASN C 241 -29.57 -4.51 1.36
N SER C 242 -30.90 -4.60 1.33
CA SER C 242 -31.70 -4.47 2.54
CA SER C 242 -31.68 -4.45 2.56
C SER C 242 -31.49 -5.65 3.47
N LYS C 243 -31.18 -6.80 2.88
CA LYS C 243 -30.91 -7.99 3.70
C LYS C 243 -29.56 -7.88 4.43
N ILE C 244 -28.57 -7.28 3.77
CA ILE C 244 -27.28 -6.99 4.41
C ILE C 244 -27.47 -5.97 5.51
N MET C 245 -28.26 -4.94 5.23
CA MET C 245 -28.61 -3.94 6.23
C MET C 245 -29.26 -4.65 7.42
N ASP C 246 -30.18 -5.57 7.15
CA ASP C 246 -30.83 -6.35 8.22
C ASP C 246 -29.80 -7.07 9.08
N PHE C 247 -28.82 -7.68 8.43
CA PHE C 247 -27.81 -8.45 9.15
C PHE C 247 -27.07 -7.59 10.14
N PHE C 248 -26.61 -6.43 9.67
CA PHE C 248 -25.72 -5.63 10.50
C PHE C 248 -26.43 -5.10 11.75
N PHE C 249 -27.68 -4.66 11.61
CA PHE C 249 -28.39 -4.14 12.78
C PHE C 249 -28.82 -5.27 13.71
N LYS C 250 -29.17 -6.42 13.15
CA LYS C 250 -29.39 -7.59 13.98
C LYS C 250 -28.10 -8.05 14.67
N PHE C 251 -26.96 -7.81 14.04
CA PHE C 251 -25.69 -8.17 14.64
C PHE C 251 -25.33 -7.18 15.75
N LEU C 252 -25.68 -5.92 15.54
CA LEU C 252 -25.25 -4.86 16.43
C LEU C 252 -26.20 -4.60 17.61
N GLU C 253 -27.42 -5.13 17.55
CA GLU C 253 -28.42 -4.87 18.59
C GLU C 253 -28.05 -5.57 19.90
N PRO C 254 -28.47 -5.01 21.05
CA PRO C 254 -28.20 -5.60 22.37
C PRO C 254 -28.63 -7.07 22.45
N HIS C 255 -27.81 -7.89 23.09
CA HIS C 255 -28.06 -9.32 23.19
C HIS C 255 -28.40 -9.93 21.84
N SER C 256 -27.61 -9.58 20.82
CA SER C 256 -27.81 -10.11 19.49
C SER C 256 -27.74 -11.64 19.51
N LYS C 257 -28.61 -12.28 18.74
CA LYS C 257 -28.58 -13.73 18.62
C LYS C 257 -27.59 -14.18 17.54
N ILE C 258 -27.05 -13.21 16.79
CA ILE C 258 -26.16 -13.53 15.67
C ILE C 258 -24.79 -14.00 16.14
N GLN C 259 -24.43 -15.22 15.79
CA GLN C 259 -23.08 -15.71 16.00
C GLN C 259 -22.44 -16.00 14.63
N LEU C 260 -21.23 -15.48 14.42
CA LEU C 260 -20.53 -15.68 13.15
C LEU C 260 -20.15 -17.14 12.98
N ASN C 261 -20.22 -17.62 11.75
CA ASN C 261 -19.71 -18.96 11.48
C ASN C 261 -18.23 -18.99 11.79
N ASP C 262 -17.81 -19.94 12.62
CA ASP C 262 -16.45 -19.92 13.12
C ASP C 262 -15.46 -20.41 12.05
N ILE C 263 -15.87 -21.34 11.19
CA ILE C 263 -14.99 -21.78 10.09
C ILE C 263 -14.71 -20.61 9.15
N ASP C 264 -15.75 -19.89 8.78
CA ASP C 264 -15.57 -18.74 7.89
C ASP C 264 -14.79 -17.61 8.56
N ALA C 265 -14.95 -17.46 9.87
CA ALA C 265 -14.31 -16.38 10.62
C ALA C 265 -12.81 -16.64 10.79
N GLU C 266 -12.45 -17.91 10.99
CA GLU C 266 -11.06 -18.28 11.22
C GLU C 266 -10.30 -18.36 9.91
N GLU C 267 -11.00 -18.77 8.85
CA GLU C 267 -10.39 -18.86 7.53
C GLU C 267 -11.21 -18.16 6.44
N PRO C 268 -11.27 -16.81 6.49
CA PRO C 268 -12.05 -16.06 5.48
C PRO C 268 -11.43 -16.05 4.09
N ASP C 269 -12.29 -16.13 3.08
CA ASP C 269 -11.85 -16.22 1.69
C ASP C 269 -11.46 -14.85 1.08
N VAL C 270 -10.35 -14.27 1.53
CA VAL C 270 -9.91 -12.95 1.06
C VAL C 270 -8.41 -12.71 0.85
N SER C 271 -8.08 -11.43 0.60
CA SER C 271 -6.72 -11.02 0.23
C SER C 271 -6.25 -9.74 0.96
N ASP C 272 -7.03 -9.24 1.92
CA ASP C 272 -6.47 -8.25 2.87
C ASP C 272 -7.23 -8.24 4.20
#